data_1N2W
# 
_entry.id   1N2W 
# 
_audit_conform.dict_name       mmcif_pdbx.dic 
_audit_conform.dict_version    5.391 
_audit_conform.dict_location   http://mmcif.pdb.org/dictionaries/ascii/mmcif_pdbx.dic 
# 
loop_
_database_2.database_id 
_database_2.database_code 
_database_2.pdbx_database_accession 
_database_2.pdbx_DOI 
PDB   1N2W         pdb_00001n2w 10.2210/pdb1n2w/pdb 
RCSB  RCSB017450   ?            ?                   
WWPDB D_1000017450 ?            ?                   
BMRB  5385         ?            10.13018/BMR5385    
# 
loop_
_pdbx_audit_revision_history.ordinal 
_pdbx_audit_revision_history.data_content_type 
_pdbx_audit_revision_history.major_revision 
_pdbx_audit_revision_history.minor_revision 
_pdbx_audit_revision_history.revision_date 
1 'Structure model' 1 0 2002-11-13 
2 'Structure model' 1 1 2008-04-28 
3 'Structure model' 1 2 2011-07-13 
4 'Structure model' 1 3 2020-02-05 
5 'Structure model' 1 4 2024-05-01 
# 
_pdbx_audit_revision_details.ordinal             1 
_pdbx_audit_revision_details.revision_ordinal    1 
_pdbx_audit_revision_details.data_content_type   'Structure model' 
_pdbx_audit_revision_details.provider            repository 
_pdbx_audit_revision_details.type                'Initial release' 
_pdbx_audit_revision_details.description         ? 
_pdbx_audit_revision_details.details             ? 
# 
loop_
_pdbx_audit_revision_group.ordinal 
_pdbx_audit_revision_group.revision_ordinal 
_pdbx_audit_revision_group.data_content_type 
_pdbx_audit_revision_group.group 
1 2 'Structure model' 'Version format compliance' 
2 3 'Structure model' 'Version format compliance' 
3 4 'Structure model' 'Data collection'           
4 4 'Structure model' 'Database references'       
5 4 'Structure model' 'Derived calculations'      
6 4 'Structure model' Other                       
7 5 'Structure model' 'Data collection'           
8 5 'Structure model' 'Database references'       
# 
loop_
_pdbx_audit_revision_category.ordinal 
_pdbx_audit_revision_category.revision_ordinal 
_pdbx_audit_revision_category.data_content_type 
_pdbx_audit_revision_category.category 
1  4 'Structure model' database_2                   
2  4 'Structure model' ndb_struct_conf_na           
3  4 'Structure model' ndb_struct_na_base_pair      
4  4 'Structure model' ndb_struct_na_base_pair_step 
5  4 'Structure model' pdbx_database_status         
6  4 'Structure model' pdbx_nmr_software            
7  4 'Structure model' pdbx_struct_assembly         
8  4 'Structure model' pdbx_struct_assembly_prop    
9  4 'Structure model' pdbx_struct_oper_list        
10 4 'Structure model' struct_conn                  
11 5 'Structure model' chem_comp_atom               
12 5 'Structure model' chem_comp_bond               
13 5 'Structure model' database_2                   
# 
loop_
_pdbx_audit_revision_item.ordinal 
_pdbx_audit_revision_item.revision_ordinal 
_pdbx_audit_revision_item.data_content_type 
_pdbx_audit_revision_item.item 
1  4 'Structure model' '_pdbx_database_status.status_code_cs' 
2  4 'Structure model' '_pdbx_nmr_software.name'              
3  4 'Structure model' '_struct_conn.details'                 
4  4 'Structure model' '_struct_conn.pdbx_leaving_atom_flag'  
5  4 'Structure model' '_struct_conn.ptnr1_auth_comp_id'      
6  4 'Structure model' '_struct_conn.ptnr1_auth_seq_id'       
7  4 'Structure model' '_struct_conn.ptnr1_label_atom_id'     
8  4 'Structure model' '_struct_conn.ptnr1_label_comp_id'     
9  4 'Structure model' '_struct_conn.ptnr1_label_seq_id'      
10 4 'Structure model' '_struct_conn.ptnr2_auth_comp_id'      
11 4 'Structure model' '_struct_conn.ptnr2_auth_seq_id'       
12 4 'Structure model' '_struct_conn.ptnr2_label_atom_id'     
13 4 'Structure model' '_struct_conn.ptnr2_label_comp_id'     
14 4 'Structure model' '_struct_conn.ptnr2_label_seq_id'      
15 5 'Structure model' '_database_2.pdbx_DOI'                 
16 5 'Structure model' '_database_2.pdbx_database_accession'  
# 
_pdbx_database_status.status_code                     REL 
_pdbx_database_status.entry_id                        1N2W 
_pdbx_database_status.recvd_initial_deposition_date   2002-10-24 
_pdbx_database_status.deposit_site                    RCSB 
_pdbx_database_status.process_site                    RCSB 
_pdbx_database_status.SG_entry                        . 
_pdbx_database_status.pdb_format_compatible           Y 
_pdbx_database_status.status_code_mr                  ? 
_pdbx_database_status.status_code_sf                  ? 
_pdbx_database_status.status_code_cs                  REL 
_pdbx_database_status.methods_development_category    ? 
_pdbx_database_status.status_code_nmr_data            ? 
# 
_pdbx_database_related.db_name        BMRB 
_pdbx_database_related.db_id          5385 
_pdbx_database_related.details        . 
_pdbx_database_related.content_type   unspecified 
# 
loop_
_audit_author.name 
_audit_author.pdbx_ordinal 
'Thiviyanathan, V.'  1 
'Somasunderam, A.D.' 2 
'Hazra, T.K.'        3 
'Mitra, S.'          4 
'Gorenstein, D.G.'   5 
# 
_citation.id                        primary 
_citation.title                     
;Solution Structure of a DNA Duplex Containing 8-Hydroxy-2'-Deoxyguanosine Opposite Deoxyguanosine
;
_citation.journal_abbrev            J.Mol.Biol. 
_citation.journal_volume            325 
_citation.page_first                433 
_citation.page_last                 442 
_citation.year                      2003 
_citation.journal_id_ASTM           JMOBAK 
_citation.country                   UK 
_citation.journal_id_ISSN           0022-2836 
_citation.journal_id_CSD            0070 
_citation.book_publisher            ? 
_citation.pdbx_database_id_PubMed   12498794 
_citation.pdbx_database_id_DOI      '10.1016/S0022-2836(02)01272-X' 
# 
loop_
_citation_author.citation_id 
_citation_author.name 
_citation_author.ordinal 
_citation_author.identifier_ORCID 
primary 'Thiviyanathan, V.'  1 ? 
primary 'Somasunderam, A.D.' 2 ? 
primary 'Hazra, T.K.'        3 ? 
primary 'Mitra, S.'          4 ? 
primary 'Gorenstein, D.G.'   5 ? 
# 
_entity.id                         1 
_entity.type                       polymer 
_entity.src_method                 syn 
_entity.pdbx_description           "5'-D(*CP*GP*CP*GP*AP*AP*TP*TP*(8OG)P*GP*CP*G)-3'" 
_entity.formula_weight             3719.416 
_entity.pdbx_number_of_molecules   2 
_entity.pdbx_ec                    ? 
_entity.pdbx_mutation              ? 
_entity.pdbx_fragment              ? 
_entity.details                    ? 
# 
_entity_poly.entity_id                      1 
_entity_poly.type                           polydeoxyribonucleotide 
_entity_poly.nstd_linkage                   no 
_entity_poly.nstd_monomer                   yes 
_entity_poly.pdbx_seq_one_letter_code       '(DC)(DG)(DC)(DG)(DA)(DA)(DT)(DT)(8OG)(DG)(DC)(DG)' 
_entity_poly.pdbx_seq_one_letter_code_can   CGCGAATTGGCG 
_entity_poly.pdbx_strand_id                 A,B 
_entity_poly.pdbx_target_identifier         ? 
# 
loop_
_entity_poly_seq.entity_id 
_entity_poly_seq.num 
_entity_poly_seq.mon_id 
_entity_poly_seq.hetero 
1 1  DC  n 
1 2  DG  n 
1 3  DC  n 
1 4  DG  n 
1 5  DA  n 
1 6  DA  n 
1 7  DT  n 
1 8  DT  n 
1 9  8OG n 
1 10 DG  n 
1 11 DC  n 
1 12 DG  n 
# 
_pdbx_entity_src_syn.entity_id              1 
_pdbx_entity_src_syn.pdbx_src_id            1 
_pdbx_entity_src_syn.pdbx_alt_source_flag   sample 
_pdbx_entity_src_syn.pdbx_beg_seq_num       ? 
_pdbx_entity_src_syn.pdbx_end_seq_num       ? 
_pdbx_entity_src_syn.organism_scientific    ? 
_pdbx_entity_src_syn.organism_common_name   ? 
_pdbx_entity_src_syn.ncbi_taxonomy_id       ? 
_pdbx_entity_src_syn.details                'Eco RI sequence' 
# 
loop_
_chem_comp.id 
_chem_comp.type 
_chem_comp.mon_nstd_flag 
_chem_comp.name 
_chem_comp.pdbx_synonyms 
_chem_comp.formula 
_chem_comp.formula_weight 
8OG 'DNA linking' n "8-OXO-2'-DEOXY-GUANOSINE-5'-MONOPHOSPHATE" "8-OXO-7,8-DIHYDRO-2'-DEOXY-GUANOSINE-5'-MONOPHOSPHATE" 
'C10 H14 N5 O8 P' 363.221 
DA  'DNA linking' y "2'-DEOXYADENOSINE-5'-MONOPHOSPHATE"        ?                                                       
'C10 H14 N5 O6 P' 331.222 
DC  'DNA linking' y "2'-DEOXYCYTIDINE-5'-MONOPHOSPHATE"         ?                                                       
'C9 H14 N3 O7 P'  307.197 
DG  'DNA linking' y "2'-DEOXYGUANOSINE-5'-MONOPHOSPHATE"        ?                                                       
'C10 H14 N5 O7 P' 347.221 
DT  'DNA linking' y "THYMIDINE-5'-MONOPHOSPHATE"                ?                                                       
'C10 H15 N2 O8 P' 322.208 
# 
loop_
_pdbx_poly_seq_scheme.asym_id 
_pdbx_poly_seq_scheme.entity_id 
_pdbx_poly_seq_scheme.seq_id 
_pdbx_poly_seq_scheme.mon_id 
_pdbx_poly_seq_scheme.ndb_seq_num 
_pdbx_poly_seq_scheme.pdb_seq_num 
_pdbx_poly_seq_scheme.auth_seq_num 
_pdbx_poly_seq_scheme.pdb_mon_id 
_pdbx_poly_seq_scheme.auth_mon_id 
_pdbx_poly_seq_scheme.pdb_strand_id 
_pdbx_poly_seq_scheme.pdb_ins_code 
_pdbx_poly_seq_scheme.hetero 
A 1 1  DC  1  1  1  DC  C   A . n 
A 1 2  DG  2  2  2  DG  G   A . n 
A 1 3  DC  3  3  3  DC  C   A . n 
A 1 4  DG  4  4  4  DG  G   A . n 
A 1 5  DA  5  5  5  DA  A   A . n 
A 1 6  DA  6  6  6  DA  A   A . n 
A 1 7  DT  7  7  7  DT  T   A . n 
A 1 8  DT  8  8  8  DT  T   A . n 
A 1 9  8OG 9  9  9  8OG 8OG A . n 
A 1 10 DG  10 10 10 DG  G   A . n 
A 1 11 DC  11 11 11 DC  C   A . n 
A 1 12 DG  12 12 12 DG  G   A . n 
B 1 1  DC  1  13 13 DC  C   B . n 
B 1 2  DG  2  14 14 DG  G   B . n 
B 1 3  DC  3  15 15 DC  C   B . n 
B 1 4  DG  4  16 16 DG  G   B . n 
B 1 5  DA  5  17 17 DA  A   B . n 
B 1 6  DA  6  18 18 DA  A   B . n 
B 1 7  DT  7  19 19 DT  T   B . n 
B 1 8  DT  8  20 20 DT  T   B . n 
B 1 9  8OG 9  21 21 8OG 8OG B . n 
B 1 10 DG  10 22 22 DG  G   B . n 
B 1 11 DC  11 23 23 DC  C   B . n 
B 1 12 DG  12 24 24 DG  G   B . n 
# 
_exptl.entry_id          1N2W 
_exptl.method            'SOLUTION NMR' 
_exptl.crystals_number   ? 
# 
_exptl_crystal.id                    1 
_exptl_crystal.density_meas          ? 
_exptl_crystal.density_percent_sol   ? 
_exptl_crystal.density_Matthews      ? 
_exptl_crystal.description           ? 
# 
_diffrn.id                     1 
_diffrn.ambient_temp           ? 
_diffrn.ambient_temp_details   ? 
_diffrn.crystal_id             1 
# 
_diffrn_radiation.diffrn_id                        1 
_diffrn_radiation.wavelength_id                    1 
_diffrn_radiation.pdbx_monochromatic_or_laue_m_l   M 
_diffrn_radiation.monochromator                    ? 
_diffrn_radiation.pdbx_diffrn_protocol             'SINGLE WAVELENGTH' 
_diffrn_radiation.pdbx_scattering_type             ? 
# 
_diffrn_radiation_wavelength.id           1 
_diffrn_radiation_wavelength.wavelength   . 
_diffrn_radiation_wavelength.wt           1.0 
# 
_struct.entry_id                  1N2W 
_struct.title                     'Solution Structure of 8OG:G mismatch containing duplex' 
_struct.pdbx_model_details        ? 
_struct.pdbx_CASP_flag            ? 
_struct.pdbx_model_type_details   ? 
# 
_struct_keywords.entry_id        1N2W 
_struct_keywords.pdbx_keywords   DNA 
_struct_keywords.text            '8OG, G:G MISMATCH, OXIDATIVE DAMAGE, DNA' 
# 
loop_
_struct_asym.id 
_struct_asym.pdbx_blank_PDB_chainid_flag 
_struct_asym.pdbx_modified 
_struct_asym.entity_id 
_struct_asym.details 
A N N 1 ? 
B N N 1 ? 
# 
_struct_ref.id                         1 
_struct_ref.entity_id                  1 
_struct_ref.db_name                    PDB 
_struct_ref.db_code                    1N2W 
_struct_ref.pdbx_db_accession          1N2W 
_struct_ref.pdbx_db_isoform            ? 
_struct_ref.pdbx_seq_one_letter_code   ? 
_struct_ref.pdbx_align_begin           ? 
# 
loop_
_struct_ref_seq.align_id 
_struct_ref_seq.ref_id 
_struct_ref_seq.pdbx_PDB_id_code 
_struct_ref_seq.pdbx_strand_id 
_struct_ref_seq.seq_align_beg 
_struct_ref_seq.pdbx_seq_align_beg_ins_code 
_struct_ref_seq.seq_align_end 
_struct_ref_seq.pdbx_seq_align_end_ins_code 
_struct_ref_seq.pdbx_db_accession 
_struct_ref_seq.db_align_beg 
_struct_ref_seq.pdbx_db_align_beg_ins_code 
_struct_ref_seq.db_align_end 
_struct_ref_seq.pdbx_db_align_end_ins_code 
_struct_ref_seq.pdbx_auth_seq_align_beg 
_struct_ref_seq.pdbx_auth_seq_align_end 
1 1 1N2W A 1 ? 12 ? 1N2W 1  ? 12 ? 1  12 
2 1 1N2W B 1 ? 12 ? 1N2W 13 ? 24 ? 13 24 
# 
_pdbx_struct_assembly.id                   1 
_pdbx_struct_assembly.details              author_defined_assembly 
_pdbx_struct_assembly.method_details       ? 
_pdbx_struct_assembly.oligomeric_details   dimeric 
_pdbx_struct_assembly.oligomeric_count     2 
# 
loop_
_pdbx_struct_assembly_prop.biol_id 
_pdbx_struct_assembly_prop.type 
_pdbx_struct_assembly_prop.value 
_pdbx_struct_assembly_prop.details 
1 'ABSA (A^2)' 2260 ? 
1 MORE         -1   ? 
1 'SSA (A^2)'  4390 ? 
# 
_pdbx_struct_assembly_gen.assembly_id       1 
_pdbx_struct_assembly_gen.oper_expression   1 
_pdbx_struct_assembly_gen.asym_id_list      A,B 
# 
_pdbx_struct_oper_list.id                   1 
_pdbx_struct_oper_list.type                 'identity operation' 
_pdbx_struct_oper_list.name                 1_555 
_pdbx_struct_oper_list.symmetry_operation   ? 
_pdbx_struct_oper_list.matrix[1][1]         1.0000000000 
_pdbx_struct_oper_list.matrix[1][2]         0.0000000000 
_pdbx_struct_oper_list.matrix[1][3]         0.0000000000 
_pdbx_struct_oper_list.vector[1]            0.0000000000 
_pdbx_struct_oper_list.matrix[2][1]         0.0000000000 
_pdbx_struct_oper_list.matrix[2][2]         1.0000000000 
_pdbx_struct_oper_list.matrix[2][3]         0.0000000000 
_pdbx_struct_oper_list.vector[2]            0.0000000000 
_pdbx_struct_oper_list.matrix[3][1]         0.0000000000 
_pdbx_struct_oper_list.matrix[3][2]         0.0000000000 
_pdbx_struct_oper_list.matrix[3][3]         1.0000000000 
_pdbx_struct_oper_list.vector[3]            0.0000000000 
# 
loop_
_struct_conn.id 
_struct_conn.conn_type_id 
_struct_conn.pdbx_leaving_atom_flag 
_struct_conn.pdbx_PDB_id 
_struct_conn.ptnr1_label_asym_id 
_struct_conn.ptnr1_label_comp_id 
_struct_conn.ptnr1_label_seq_id 
_struct_conn.ptnr1_label_atom_id 
_struct_conn.pdbx_ptnr1_label_alt_id 
_struct_conn.pdbx_ptnr1_PDB_ins_code 
_struct_conn.pdbx_ptnr1_standard_comp_id 
_struct_conn.ptnr1_symmetry 
_struct_conn.ptnr2_label_asym_id 
_struct_conn.ptnr2_label_comp_id 
_struct_conn.ptnr2_label_seq_id 
_struct_conn.ptnr2_label_atom_id 
_struct_conn.pdbx_ptnr2_label_alt_id 
_struct_conn.pdbx_ptnr2_PDB_ins_code 
_struct_conn.ptnr1_auth_asym_id 
_struct_conn.ptnr1_auth_comp_id 
_struct_conn.ptnr1_auth_seq_id 
_struct_conn.ptnr2_auth_asym_id 
_struct_conn.ptnr2_auth_comp_id 
_struct_conn.ptnr2_auth_seq_id 
_struct_conn.ptnr2_symmetry 
_struct_conn.pdbx_ptnr3_label_atom_id 
_struct_conn.pdbx_ptnr3_label_seq_id 
_struct_conn.pdbx_ptnr3_label_comp_id 
_struct_conn.pdbx_ptnr3_label_asym_id 
_struct_conn.pdbx_ptnr3_label_alt_id 
_struct_conn.pdbx_ptnr3_PDB_ins_code 
_struct_conn.details 
_struct_conn.pdbx_dist_value 
_struct_conn.pdbx_value_order 
_struct_conn.pdbx_role 
covale1  covale both ? A DT  8  "O3'" ? ? ? 1_555 A 8OG 9  P  ? ? A DT  8  A 8OG 9  1_555 ? ? ? ? ? ? ?                1.569 ? ? 
covale2  covale both ? A 8OG 9  "O3'" ? ? ? 1_555 A DG  10 P  ? ? A 8OG 9  A DG  10 1_555 ? ? ? ? ? ? ?                1.607 ? ? 
covale3  covale both ? B DT  8  "O3'" ? ? ? 1_555 B 8OG 9  P  ? ? B DT  20 B 8OG 21 1_555 ? ? ? ? ? ? ?                1.639 ? ? 
covale4  covale both ? B 8OG 9  "O3'" ? ? ? 1_555 B DG  10 P  ? ? B 8OG 21 B DG  22 1_555 ? ? ? ? ? ? ?                1.561 ? ? 
hydrog1  hydrog ?    ? A DC  1  N3    ? ? ? 1_555 B DG  12 N1 ? ? A DC  1  B DG  24 1_555 ? ? ? ? ? ? WATSON-CRICK     ?     ? ? 
hydrog2  hydrog ?    ? A DC  1  N4    ? ? ? 1_555 B DG  12 O6 ? ? A DC  1  B DG  24 1_555 ? ? ? ? ? ? WATSON-CRICK     ?     ? ? 
hydrog3  hydrog ?    ? A DC  1  O2    ? ? ? 1_555 B DG  12 N2 ? ? A DC  1  B DG  24 1_555 ? ? ? ? ? ? WATSON-CRICK     ?     ? ? 
hydrog4  hydrog ?    ? A DG  2  N1    ? ? ? 1_555 B DC  11 N3 ? ? A DG  2  B DC  23 1_555 ? ? ? ? ? ? WATSON-CRICK     ?     ? ? 
hydrog5  hydrog ?    ? A DG  2  N2    ? ? ? 1_555 B DC  11 O2 ? ? A DG  2  B DC  23 1_555 ? ? ? ? ? ? WATSON-CRICK     ?     ? ? 
hydrog6  hydrog ?    ? A DG  2  O6    ? ? ? 1_555 B DC  11 N4 ? ? A DG  2  B DC  23 1_555 ? ? ? ? ? ? WATSON-CRICK     ?     ? ? 
hydrog7  hydrog ?    ? A DC  3  N3    ? ? ? 1_555 B DG  10 N1 ? ? A DC  3  B DG  22 1_555 ? ? ? ? ? ? WATSON-CRICK     ?     ? ? 
hydrog8  hydrog ?    ? A DC  3  N4    ? ? ? 1_555 B DG  10 O6 ? ? A DC  3  B DG  22 1_555 ? ? ? ? ? ? WATSON-CRICK     ?     ? ? 
hydrog9  hydrog ?    ? A DC  3  O2    ? ? ? 1_555 B DG  10 N2 ? ? A DC  3  B DG  22 1_555 ? ? ? ? ? ? WATSON-CRICK     ?     ? ? 
hydrog10 hydrog ?    ? A DG  4  N1    ? ? ? 1_555 B 8OG 9  N7 ? ? A DG  4  B 8OG 21 1_555 ? ? ? ? ? ? 'DG-8OG MISPAIR' ?     ? ? 
hydrog11 hydrog ?    ? A DA  5  N1    ? ? ? 1_555 B DT  8  N3 ? ? A DA  5  B DT  20 1_555 ? ? ? ? ? ? WATSON-CRICK     ?     ? ? 
hydrog12 hydrog ?    ? A DA  5  N6    ? ? ? 1_555 B DT  8  O4 ? ? A DA  5  B DT  20 1_555 ? ? ? ? ? ? WATSON-CRICK     ?     ? ? 
hydrog13 hydrog ?    ? A DA  6  N1    ? ? ? 1_555 B DT  7  N3 ? ? A DA  6  B DT  19 1_555 ? ? ? ? ? ? WATSON-CRICK     ?     ? ? 
hydrog14 hydrog ?    ? A DA  6  N6    ? ? ? 1_555 B DT  7  O4 ? ? A DA  6  B DT  19 1_555 ? ? ? ? ? ? WATSON-CRICK     ?     ? ? 
hydrog15 hydrog ?    ? A DT  7  N3    ? ? ? 1_555 B DA  6  N1 ? ? A DT  7  B DA  18 1_555 ? ? ? ? ? ? WATSON-CRICK     ?     ? ? 
hydrog16 hydrog ?    ? A DT  7  O4    ? ? ? 1_555 B DA  6  N6 ? ? A DT  7  B DA  18 1_555 ? ? ? ? ? ? WATSON-CRICK     ?     ? ? 
hydrog17 hydrog ?    ? A DT  8  N3    ? ? ? 1_555 B DA  5  N1 ? ? A DT  8  B DA  17 1_555 ? ? ? ? ? ? WATSON-CRICK     ?     ? ? 
hydrog18 hydrog ?    ? A DT  8  O4    ? ? ? 1_555 B DA  5  N6 ? ? A DT  8  B DA  17 1_555 ? ? ? ? ? ? WATSON-CRICK     ?     ? ? 
hydrog19 hydrog ?    ? A 8OG 9  N7    ? ? ? 1_555 B DG  4  N1 ? ? A 8OG 9  B DG  16 1_555 ? ? ? ? ? ? '8OG-DG MISPAIR' ?     ? ? 
hydrog20 hydrog ?    ? A DG  10 N1    ? ? ? 1_555 B DC  3  N3 ? ? A DG  10 B DC  15 1_555 ? ? ? ? ? ? WATSON-CRICK     ?     ? ? 
hydrog21 hydrog ?    ? A DG  10 N2    ? ? ? 1_555 B DC  3  O2 ? ? A DG  10 B DC  15 1_555 ? ? ? ? ? ? WATSON-CRICK     ?     ? ? 
hydrog22 hydrog ?    ? A DG  10 O6    ? ? ? 1_555 B DC  3  N4 ? ? A DG  10 B DC  15 1_555 ? ? ? ? ? ? WATSON-CRICK     ?     ? ? 
hydrog23 hydrog ?    ? A DC  11 N3    ? ? ? 1_555 B DG  2  N1 ? ? A DC  11 B DG  14 1_555 ? ? ? ? ? ? WATSON-CRICK     ?     ? ? 
hydrog24 hydrog ?    ? A DC  11 N4    ? ? ? 1_555 B DG  2  O6 ? ? A DC  11 B DG  14 1_555 ? ? ? ? ? ? WATSON-CRICK     ?     ? ? 
hydrog25 hydrog ?    ? A DC  11 O2    ? ? ? 1_555 B DG  2  N2 ? ? A DC  11 B DG  14 1_555 ? ? ? ? ? ? WATSON-CRICK     ?     ? ? 
hydrog26 hydrog ?    ? A DG  12 N1    ? ? ? 1_555 B DC  1  N3 ? ? A DG  12 B DC  13 1_555 ? ? ? ? ? ? WATSON-CRICK     ?     ? ? 
hydrog27 hydrog ?    ? A DG  12 N2    ? ? ? 1_555 B DC  1  O2 ? ? A DG  12 B DC  13 1_555 ? ? ? ? ? ? WATSON-CRICK     ?     ? ? 
hydrog28 hydrog ?    ? A DG  12 O6    ? ? ? 1_555 B DC  1  N4 ? ? A DG  12 B DC  13 1_555 ? ? ? ? ? ? WATSON-CRICK     ?     ? ? 
# 
loop_
_struct_conn_type.id 
_struct_conn_type.criteria 
_struct_conn_type.reference 
covale ? ? 
hydrog ? ? 
# 
loop_
_pdbx_validate_rmsd_bond.id 
_pdbx_validate_rmsd_bond.PDB_model_num 
_pdbx_validate_rmsd_bond.auth_atom_id_1 
_pdbx_validate_rmsd_bond.auth_asym_id_1 
_pdbx_validate_rmsd_bond.auth_comp_id_1 
_pdbx_validate_rmsd_bond.auth_seq_id_1 
_pdbx_validate_rmsd_bond.PDB_ins_code_1 
_pdbx_validate_rmsd_bond.label_alt_id_1 
_pdbx_validate_rmsd_bond.auth_atom_id_2 
_pdbx_validate_rmsd_bond.auth_asym_id_2 
_pdbx_validate_rmsd_bond.auth_comp_id_2 
_pdbx_validate_rmsd_bond.auth_seq_id_2 
_pdbx_validate_rmsd_bond.PDB_ins_code_2 
_pdbx_validate_rmsd_bond.label_alt_id_2 
_pdbx_validate_rmsd_bond.bond_value 
_pdbx_validate_rmsd_bond.bond_target_value 
_pdbx_validate_rmsd_bond.bond_deviation 
_pdbx_validate_rmsd_bond.bond_standard_deviation 
_pdbx_validate_rmsd_bond.linker_flag 
1  1 C5    A DG 2  ? ? N7    A DG 2  ? ? 1.433 1.388 0.045  0.006 N 
2  1 "O3'" A DC 3  ? ? "C3'" A DC 3  ? ? 1.382 1.419 -0.037 0.006 N 
3  1 C2    A DG 4  ? ? N2    A DG 4  ? ? 1.277 1.341 -0.064 0.010 N 
4  1 P     A DA 5  ? ? "O5'" A DA 5  ? ? 1.532 1.593 -0.061 0.010 N 
5  1 "O4'" A DA 5  ? ? "C4'" A DA 5  ? ? 1.376 1.446 -0.070 0.010 N 
6  1 N3    A DA 5  ? ? C4    A DA 5  ? ? 1.392 1.344 0.048  0.006 N 
7  1 P     A DT 7  ? ? "O5'" A DT 7  ? ? 1.513 1.593 -0.080 0.010 N 
8  1 "C2'" A DT 7  ? ? "C1'" A DT 7  ? ? 1.452 1.518 -0.066 0.010 N 
9  1 C5    A DT 8  ? ? C6    A DT 8  ? ? 1.402 1.339 0.063  0.007 N 
10 1 "O4'" A DG 10 ? ? "C4'" A DG 10 ? ? 1.367 1.446 -0.079 0.010 N 
11 1 C6    A DG 10 ? ? N1    A DG 10 ? ? 1.348 1.391 -0.043 0.007 N 
12 1 C5    A DG 10 ? ? N7    A DG 10 ? ? 1.441 1.388 0.053  0.006 N 
13 1 N1    A DG 12 ? ? C2    A DG 12 ? ? 1.314 1.373 -0.059 0.008 N 
14 1 N3    B DG 14 ? ? C4    B DG 14 ? ? 1.394 1.350 0.044  0.007 N 
15 1 C6    B DG 14 ? ? N1    B DG 14 ? ? 1.334 1.391 -0.057 0.007 N 
16 1 "C5'" B DA 17 ? ? "C4'" B DA 17 ? ? 1.569 1.512 0.057  0.007 N 
17 1 C5    B DA 17 ? ? N7    B DA 17 ? ? 1.436 1.388 0.048  0.006 N 
18 1 C6    B DA 17 ? ? N6    B DA 17 ? ? 1.280 1.335 -0.055 0.008 N 
19 1 C6    B DA 18 ? ? N1    B DA 18 ? ? 1.291 1.351 -0.060 0.007 N 
20 1 "O4'" B DT 19 ? ? "C4'" B DT 19 ? ? 1.374 1.446 -0.072 0.010 N 
21 1 C5    B DT 19 ? ? C7    B DT 19 ? ? 1.540 1.496 0.044  0.006 N 
22 1 N1    B DT 20 ? ? C2    B DT 20 ? ? 1.437 1.376 0.061  0.008 N 
23 1 C6    B DG 22 ? ? N1    B DG 22 ? ? 1.336 1.391 -0.055 0.007 N 
24 1 "C5'" B DG 24 ? ? "C4'" B DG 24 ? ? 1.561 1.512 0.049  0.007 N 
25 1 N1    B DG 24 ? ? C2    B DG 24 ? ? 1.298 1.373 -0.075 0.008 N 
26 1 C6    B DG 24 ? ? N1    B DG 24 ? ? 1.325 1.391 -0.066 0.007 N 
27 1 C5    B DG 24 ? ? N7    B DG 24 ? ? 1.432 1.388 0.044  0.006 N 
# 
loop_
_pdbx_validate_rmsd_angle.id 
_pdbx_validate_rmsd_angle.PDB_model_num 
_pdbx_validate_rmsd_angle.auth_atom_id_1 
_pdbx_validate_rmsd_angle.auth_asym_id_1 
_pdbx_validate_rmsd_angle.auth_comp_id_1 
_pdbx_validate_rmsd_angle.auth_seq_id_1 
_pdbx_validate_rmsd_angle.PDB_ins_code_1 
_pdbx_validate_rmsd_angle.label_alt_id_1 
_pdbx_validate_rmsd_angle.auth_atom_id_2 
_pdbx_validate_rmsd_angle.auth_asym_id_2 
_pdbx_validate_rmsd_angle.auth_comp_id_2 
_pdbx_validate_rmsd_angle.auth_seq_id_2 
_pdbx_validate_rmsd_angle.PDB_ins_code_2 
_pdbx_validate_rmsd_angle.label_alt_id_2 
_pdbx_validate_rmsd_angle.auth_atom_id_3 
_pdbx_validate_rmsd_angle.auth_asym_id_3 
_pdbx_validate_rmsd_angle.auth_comp_id_3 
_pdbx_validate_rmsd_angle.auth_seq_id_3 
_pdbx_validate_rmsd_angle.PDB_ins_code_3 
_pdbx_validate_rmsd_angle.label_alt_id_3 
_pdbx_validate_rmsd_angle.angle_value 
_pdbx_validate_rmsd_angle.angle_target_value 
_pdbx_validate_rmsd_angle.angle_deviation 
_pdbx_validate_rmsd_angle.angle_standard_deviation 
_pdbx_validate_rmsd_angle.linker_flag 
1  1 N1    A DC  1  ? ? C2    A DC  1  ? ? O2    A DC  1  ? ? 124.37 118.90 5.47  0.60 N 
2  1 N3    A DC  1  ? ? C2    A DC  1  ? ? O2    A DC  1  ? ? 115.28 121.90 -6.62 0.70 N 
3  1 "O4'" A DG  2  ? ? "C4'" A DG  2  ? ? "C3'" A DG  2  ? ? 112.34 106.00 6.34  0.60 N 
4  1 N1    A DG  2  ? ? C2    A DG  2  ? ? N3    A DG  2  ? ? 127.67 123.90 3.77  0.60 N 
5  1 C4    A DG  2  ? ? C5    A DG  2  ? ? N7    A DG  2  ? ? 108.16 110.80 -2.64 0.40 N 
6  1 N1    A DG  2  ? ? C6    A DG  2  ? ? O6    A DG  2  ? ? 114.96 119.90 -4.94 0.60 N 
7  1 "C3'" A DC  3  ? ? "C2'" A DC  3  ? ? "C1'" A DC  3  ? ? 96.78  102.40 -5.62 0.80 N 
8  1 C4    A DC  3  ? ? C5    A DC  3  ? ? C6    A DC  3  ? ? 122.32 117.40 4.92  0.50 N 
9  1 C5    A DC  3  ? ? C6    A DC  3  ? ? N1    A DC  3  ? ? 116.67 121.00 -4.33 0.50 N 
10 1 "O4'" A DG  4  ? ? "C4'" A DG  4  ? ? "C3'" A DG  4  ? ? 111.35 106.00 5.35  0.60 N 
11 1 "C1'" A DG  4  ? ? "O4'" A DG  4  ? ? "C4'" A DG  4  ? ? 101.70 110.10 -8.40 1.00 N 
12 1 "O4'" A DG  4  ? ? "C1'" A DG  4  ? ? N9    A DG  4  ? ? 111.62 108.30 3.32  0.30 N 
13 1 C2    A DG  4  ? ? N3    A DG  4  ? ? C4    A DG  4  ? ? 115.76 111.90 3.86  0.50 N 
14 1 N3    A DG  4  ? ? C4    A DG  4  ? ? C5    A DG  4  ? ? 125.49 128.60 -3.11 0.50 N 
15 1 C8    A DG  4  ? ? N9    A DG  4  ? ? C4    A DG  4  ? ? 102.56 106.40 -3.84 0.40 N 
16 1 N1    A DG  4  ? ? C6    A DG  4  ? ? O6    A DG  4  ? ? 115.41 119.90 -4.49 0.60 N 
17 1 "O4'" A DA  5  ? ? "C4'" A DA  5  ? ? "C3'" A DA  5  ? ? 113.26 106.00 7.26  0.60 N 
18 1 C4    A DA  5  ? ? C5    A DA  5  ? ? C6    A DA  5  ? ? 113.66 117.00 -3.34 0.50 N 
19 1 C8    A DA  5  ? ? N9    A DA  5  ? ? C4    A DA  5  ? ? 108.36 105.80 2.56  0.40 N 
20 1 N9    A DA  5  ? ? C4    A DA  5  ? ? C5    A DA  5  ? ? 103.11 105.80 -2.69 0.40 N 
21 1 "O4'" A DA  6  ? ? "C4'" A DA  6  ? ? "C3'" A DA  6  ? ? 113.97 106.00 7.97  0.60 N 
22 1 C4    A DA  6  ? ? C5    A DA  6  ? ? C6    A DA  6  ? ? 111.74 117.00 -5.26 0.50 N 
23 1 C5    A DA  6  ? ? C6    A DA  6  ? ? N1    A DA  6  ? ? 120.97 117.70 3.27  0.50 N 
24 1 N1    A DA  6  ? ? C6    A DA  6  ? ? N6    A DA  6  ? ? 113.03 118.60 -5.57 0.60 N 
25 1 "C3'" A DT  7  ? ? "C2'" A DT  7  ? ? "C1'" A DT  7  ? ? 110.41 102.50 7.91  1.20 N 
26 1 "O4'" A DT  7  ? ? "C1'" A DT  7  ? ? N1    A DT  7  ? ? 112.94 108.30 4.64  0.30 N 
27 1 "O4'" A DT  8  ? ? "C4'" A DT  8  ? ? "C3'" A DT  8  ? ? 109.83 106.00 3.83  0.60 N 
28 1 "C3'" A 8OG 9  ? ? "O3'" A 8OG 9  ? ? P     A DG  10 ? ? 127.02 119.70 7.32  1.20 Y 
29 1 "O4'" A DG  10 ? ? "C1'" A DG  10 ? ? N9    A DG  10 ? ? 110.55 108.30 2.25  0.30 N 
30 1 "O4'" A DC  11 ? ? "C4'" A DC  11 ? ? "C3'" A DC  11 ? ? 109.70 106.00 3.70  0.60 N 
31 1 N3    A DC  11 ? ? C2    A DC  11 ? ? O2    A DC  11 ? ? 115.45 121.90 -6.45 0.70 N 
32 1 "O4'" A DG  12 ? ? "C1'" A DG  12 ? ? "C2'" A DG  12 ? ? 101.00 105.90 -4.90 0.80 N 
33 1 C4    A DG  12 ? ? C5    A DG  12 ? ? N7    A DG  12 ? ? 113.49 110.80 2.69  0.40 N 
34 1 C2    B DC  13 ? ? N3    B DC  13 ? ? C4    B DC  13 ? ? 116.20 119.90 -3.70 0.50 N 
35 1 C4    B DG  14 ? ? C5    B DG  14 ? ? C6    B DG  14 ? ? 114.59 118.80 -4.21 0.60 N 
36 1 C5    B DG  14 ? ? C6    B DG  14 ? ? N1    B DG  14 ? ? 117.38 111.50 5.88  0.50 N 
37 1 C5    B DG  14 ? ? N7    B DG  14 ? ? C8    B DG  14 ? ? 100.76 104.30 -3.54 0.50 N 
38 1 N7    B DG  14 ? ? C8    B DG  14 ? ? N9    B DG  14 ? ? 116.48 113.10 3.38  0.50 N 
39 1 N1    B DG  14 ? ? C6    B DG  14 ? ? O6    B DG  14 ? ? 113.85 119.90 -6.05 0.60 N 
40 1 "O4'" B DC  15 ? ? "C4'" B DC  15 ? ? "C3'" B DC  15 ? ? 110.50 106.00 4.50  0.60 N 
41 1 "C4'" B DC  15 ? ? "C3'" B DC  15 ? ? "C2'" B DC  15 ? ? 97.85  102.20 -4.35 0.70 N 
42 1 C6    B DC  15 ? ? N1    B DC  15 ? ? C2    B DC  15 ? ? 116.45 120.30 -3.85 0.40 N 
43 1 N1    B DC  15 ? ? C2    B DC  15 ? ? N3    B DC  15 ? ? 127.20 119.20 8.00  0.70 N 
44 1 C2    B DC  15 ? ? N3    B DC  15 ? ? C4    B DC  15 ? ? 113.37 119.90 -6.53 0.50 N 
45 1 N3    B DC  15 ? ? C2    B DC  15 ? ? O2    B DC  15 ? ? 112.82 121.90 -9.08 0.70 N 
46 1 C5    B DC  15 ? ? C4    B DC  15 ? ? N4    B DC  15 ? ? 114.07 120.20 -6.13 0.70 N 
47 1 "O4'" B DG  16 ? ? "C4'" B DG  16 ? ? "C3'" B DG  16 ? ? 110.44 106.00 4.44  0.60 N 
48 1 C5    B DG  16 ? ? C6    B DG  16 ? ? N1    B DG  16 ? ? 115.90 111.50 4.40  0.50 N 
49 1 C6    B DG  16 ? ? C5    B DG  16 ? ? N7    B DG  16 ? ? 134.84 130.40 4.44  0.60 N 
50 1 N3    B DG  16 ? ? C2    B DG  16 ? ? N2    B DG  16 ? ? 114.72 119.90 -5.18 0.70 N 
51 1 C5    B DG  16 ? ? C6    B DG  16 ? ? O6    B DG  16 ? ? 124.72 128.60 -3.88 0.60 N 
52 1 C4    B DA  17 ? ? C5    B DA  17 ? ? C6    B DA  17 ? ? 110.37 117.00 -6.63 0.50 N 
53 1 C5    B DA  17 ? ? C6    B DA  17 ? ? N1    B DA  17 ? ? 121.81 117.70 4.11  0.50 N 
54 1 C6    B DA  17 ? ? C5    B DA  17 ? ? N7    B DA  17 ? ? 138.78 132.30 6.48  0.70 N 
55 1 N1    B DA  17 ? ? C6    B DA  17 ? ? N6    B DA  17 ? ? 112.38 118.60 -6.22 0.60 N 
56 1 "O4'" B DA  18 ? ? "C4'" B DA  18 ? ? "C3'" B DA  18 ? ? 110.07 106.00 4.07  0.60 N 
57 1 C4    B DA  18 ? ? C5    B DA  18 ? ? C6    B DA  18 ? ? 113.27 117.00 -3.73 0.50 N 
58 1 C5    B DA  18 ? ? C6    B DA  18 ? ? N1    B DA  18 ? ? 123.09 117.70 5.39  0.50 N 
59 1 N9    B DA  18 ? ? C4    B DA  18 ? ? C5    B DA  18 ? ? 108.76 105.80 2.96  0.40 N 
60 1 C6    B DA  18 ? ? C5    B DA  18 ? ? N7    B DA  18 ? ? 136.64 132.30 4.34  0.70 N 
61 1 N1    B DA  18 ? ? C6    B DA  18 ? ? N6    B DA  18 ? ? 112.56 118.60 -6.04 0.60 N 
62 1 "O4'" B DT  19 ? ? "C1'" B DT  19 ? ? N1    B DT  19 ? ? 111.59 108.30 3.29  0.30 N 
63 1 C2    B DT  19 ? ? N3    B DT  19 ? ? C4    B DT  19 ? ? 123.31 127.20 -3.89 0.60 N 
64 1 "O4'" B DT  20 ? ? "C4'" B DT  20 ? ? "C3'" B DT  20 ? ? 111.45 106.00 5.45  0.60 N 
65 1 "C1'" B DT  20 ? ? "O4'" B DT  20 ? ? "C4'" B DT  20 ? ? 104.05 110.10 -6.05 1.00 N 
66 1 "O4'" B DT  20 ? ? "C1'" B DT  20 ? ? "C2'" B DT  20 ? ? 110.17 106.80 3.37  0.50 N 
67 1 "O4'" B DT  20 ? ? "C1'" B DT  20 ? ? N1    B DT  20 ? ? 111.78 108.30 3.48  0.30 N 
68 1 C2    B DT  20 ? ? N3    B DT  20 ? ? C4    B DT  20 ? ? 123.21 127.20 -3.99 0.60 N 
69 1 C4    B DT  20 ? ? C5    B DT  20 ? ? C6    B DT  20 ? ? 128.65 118.00 10.65 0.60 N 
70 1 C5    B DT  20 ? ? C6    B DT  20 ? ? N1    B DT  20 ? ? 114.18 123.70 -9.52 0.60 N 
71 1 C6    B DT  20 ? ? C5    B DT  20 ? ? C7    B DT  20 ? ? 115.47 122.90 -7.43 0.60 N 
72 1 "C3'" B DT  20 ? ? "O3'" B DT  20 ? ? P     B 8OG 21 ? ? 127.57 119.70 7.87  1.20 Y 
73 1 N7    B DG  22 ? ? C8    B DG  22 ? ? N9    B DG  22 ? ? 117.19 113.10 4.09  0.50 N 
74 1 C8    B DG  22 ? ? N9    B DG  22 ? ? C4    B DG  22 ? ? 102.88 106.40 -3.52 0.40 N 
75 1 N1    B DC  23 ? ? C2    B DC  23 ? ? O2    B DC  23 ? ? 122.83 118.90 3.93  0.60 N 
76 1 N3    B DC  23 ? ? C2    B DC  23 ? ? O2    B DC  23 ? ? 116.38 121.90 -5.52 0.70 N 
77 1 "C4'" B DG  24 ? ? "C3'" B DG  24 ? ? "C2'" B DG  24 ? ? 95.58  102.20 -6.62 0.70 N 
78 1 C5    B DG  24 ? ? C6    B DG  24 ? ? N1    B DG  24 ? ? 114.61 111.50 3.11  0.50 N 
79 1 C5    B DG  24 ? ? N7    B DG  24 ? ? C8    B DG  24 ? ? 100.77 104.30 -3.53 0.50 N 
80 1 N7    B DG  24 ? ? C8    B DG  24 ? ? N9    B DG  24 ? ? 119.24 113.10 6.14  0.50 N 
81 1 N3    B DG  24 ? ? C2    B DG  24 ? ? N2    B DG  24 ? ? 114.66 119.90 -5.24 0.70 N 
82 1 N1    B DG  24 ? ? C6    B DG  24 ? ? O6    B DG  24 ? ? 113.98 119.90 -5.92 0.60 N 
# 
loop_
_pdbx_validate_planes.id 
_pdbx_validate_planes.PDB_model_num 
_pdbx_validate_planes.auth_comp_id 
_pdbx_validate_planes.auth_asym_id 
_pdbx_validate_planes.auth_seq_id 
_pdbx_validate_planes.PDB_ins_code 
_pdbx_validate_planes.label_alt_id 
_pdbx_validate_planes.rmsd 
_pdbx_validate_planes.type 
1  1 DC A 1  ? ? 0.065 'SIDE CHAIN' 
2  1 DG A 4  ? ? 0.093 'SIDE CHAIN' 
3  1 DG A 10 ? ? 0.061 'SIDE CHAIN' 
4  1 DC A 11 ? ? 0.134 'SIDE CHAIN' 
5  1 DG A 12 ? ? 0.073 'SIDE CHAIN' 
6  1 DC B 15 ? ? 0.090 'SIDE CHAIN' 
7  1 DG B 16 ? ? 0.093 'SIDE CHAIN' 
8  1 DA B 18 ? ? 0.077 'SIDE CHAIN' 
9  1 DT B 19 ? ? 0.081 'SIDE CHAIN' 
10 1 DT B 20 ? ? 0.110 'SIDE CHAIN' 
11 1 DG B 22 ? ? 0.069 'SIDE CHAIN' 
12 1 DC B 23 ? ? 0.094 'SIDE CHAIN' 
13 1 DG B 24 ? ? 0.119 'SIDE CHAIN' 
# 
loop_
_pdbx_struct_mod_residue.id 
_pdbx_struct_mod_residue.label_asym_id 
_pdbx_struct_mod_residue.label_comp_id 
_pdbx_struct_mod_residue.label_seq_id 
_pdbx_struct_mod_residue.auth_asym_id 
_pdbx_struct_mod_residue.auth_comp_id 
_pdbx_struct_mod_residue.auth_seq_id 
_pdbx_struct_mod_residue.PDB_ins_code 
_pdbx_struct_mod_residue.parent_comp_id 
_pdbx_struct_mod_residue.details 
1 A 8OG 9 A 8OG 9  ? DG ? 
2 B 8OG 9 B 8OG 21 ? DG ? 
# 
_pdbx_nmr_ensemble.entry_id                                      1N2W 
_pdbx_nmr_ensemble.conformers_calculated_total_number            1 
_pdbx_nmr_ensemble.conformers_submitted_total_number             1 
_pdbx_nmr_ensemble.conformer_selection_criteria                  'all calculated structures submitted' 
_pdbx_nmr_ensemble.average_constraints_per_residue               ? 
_pdbx_nmr_ensemble.average_constraint_violations_per_residue     ? 
_pdbx_nmr_ensemble.maximum_distance_constraint_violation         ? 
_pdbx_nmr_ensemble.average_distance_constraint_violation         ? 
_pdbx_nmr_ensemble.maximum_upper_distance_constraint_violation   ? 
_pdbx_nmr_ensemble.maximum_lower_distance_constraint_violation   ? 
_pdbx_nmr_ensemble.distance_constraint_violation_method          ? 
_pdbx_nmr_ensemble.maximum_torsion_angle_constraint_violation    ? 
_pdbx_nmr_ensemble.average_torsion_angle_constraint_violation    ? 
_pdbx_nmr_ensemble.torsion_angle_constraint_violation_method     ? 
# 
_pdbx_nmr_sample_details.solution_id      1 
_pdbx_nmr_sample_details.contents         '2 mM DNA, 10 mM Sodium phosphate buffer' 
_pdbx_nmr_sample_details.solvent_system   '100% D2O' 
# 
_pdbx_nmr_exptl_sample_conditions.conditions_id       1 
_pdbx_nmr_exptl_sample_conditions.temperature         298 
_pdbx_nmr_exptl_sample_conditions.pressure            ambient 
_pdbx_nmr_exptl_sample_conditions.pH                  6.8 
_pdbx_nmr_exptl_sample_conditions.ionic_strength      ? 
_pdbx_nmr_exptl_sample_conditions.pressure_units      ? 
_pdbx_nmr_exptl_sample_conditions.temperature_units   K 
# 
loop_
_pdbx_nmr_exptl.experiment_id 
_pdbx_nmr_exptl.solution_id 
_pdbx_nmr_exptl.conditions_id 
_pdbx_nmr_exptl.type 
1 1 1 '2D NOESY' 
2 1 1 '2D TOCSY' 
# 
_pdbx_nmr_refine.entry_id           1N2W 
_pdbx_nmr_refine.method             'Relaxation matrix refinement, molecular dynamics, simulated annealing' 
_pdbx_nmr_refine.details            ? 
_pdbx_nmr_refine.software_ordinal   1 
# 
loop_
_pdbx_nmr_software.name 
_pdbx_nmr_software.version 
_pdbx_nmr_software.classification 
_pdbx_nmr_software.authors 
_pdbx_nmr_software.ordinal 
VNMR   x   'data analysis'               Varian  1 
MORASS 2.5 'iterative matrix relaxation' Meadows 2 
Amber  5.0 refinement                    UCSF    3 
# 
loop_
_chem_comp_atom.comp_id 
_chem_comp_atom.atom_id 
_chem_comp_atom.type_symbol 
_chem_comp_atom.pdbx_aromatic_flag 
_chem_comp_atom.pdbx_stereo_config 
_chem_comp_atom.pdbx_ordinal 
8OG OP3    O N N 1   
8OG P      P N N 2   
8OG OP1    O N N 3   
8OG OP2    O N N 4   
8OG "O5'"  O N N 5   
8OG "C5'"  C N N 6   
8OG "C4'"  C N R 7   
8OG "O4'"  O N N 8   
8OG "C3'"  C N S 9   
8OG "O3'"  O N N 10  
8OG "C2'"  C N N 11  
8OG "C1'"  C N R 12  
8OG N9     N N N 13  
8OG C8     C N N 14  
8OG N7     N N N 15  
8OG C5     C N N 16  
8OG C6     C N N 17  
8OG O6     O N N 18  
8OG N1     N N N 19  
8OG C2     C N N 20  
8OG N2     N N N 21  
8OG N3     N N N 22  
8OG C4     C N N 23  
8OG O8     O N N 24  
8OG HOP3   H N N 25  
8OG HOP2   H N N 26  
8OG "H5'"  H N N 27  
8OG "H5''" H N N 28  
8OG "H4'"  H N N 29  
8OG "H3'"  H N N 30  
8OG "HO3'" H N N 31  
8OG "H2'"  H N N 32  
8OG "H2''" H N N 33  
8OG "H1'"  H N N 34  
8OG H7     H N N 35  
8OG H1     H N N 36  
8OG H21    H N N 37  
8OG H22    H N N 38  
DA  OP3    O N N 39  
DA  P      P N N 40  
DA  OP1    O N N 41  
DA  OP2    O N N 42  
DA  "O5'"  O N N 43  
DA  "C5'"  C N N 44  
DA  "C4'"  C N R 45  
DA  "O4'"  O N N 46  
DA  "C3'"  C N S 47  
DA  "O3'"  O N N 48  
DA  "C2'"  C N N 49  
DA  "C1'"  C N R 50  
DA  N9     N Y N 51  
DA  C8     C Y N 52  
DA  N7     N Y N 53  
DA  C5     C Y N 54  
DA  C6     C Y N 55  
DA  N6     N N N 56  
DA  N1     N Y N 57  
DA  C2     C Y N 58  
DA  N3     N Y N 59  
DA  C4     C Y N 60  
DA  HOP3   H N N 61  
DA  HOP2   H N N 62  
DA  "H5'"  H N N 63  
DA  "H5''" H N N 64  
DA  "H4'"  H N N 65  
DA  "H3'"  H N N 66  
DA  "HO3'" H N N 67  
DA  "H2'"  H N N 68  
DA  "H2''" H N N 69  
DA  "H1'"  H N N 70  
DA  H8     H N N 71  
DA  H61    H N N 72  
DA  H62    H N N 73  
DA  H2     H N N 74  
DC  OP3    O N N 75  
DC  P      P N N 76  
DC  OP1    O N N 77  
DC  OP2    O N N 78  
DC  "O5'"  O N N 79  
DC  "C5'"  C N N 80  
DC  "C4'"  C N R 81  
DC  "O4'"  O N N 82  
DC  "C3'"  C N S 83  
DC  "O3'"  O N N 84  
DC  "C2'"  C N N 85  
DC  "C1'"  C N R 86  
DC  N1     N N N 87  
DC  C2     C N N 88  
DC  O2     O N N 89  
DC  N3     N N N 90  
DC  C4     C N N 91  
DC  N4     N N N 92  
DC  C5     C N N 93  
DC  C6     C N N 94  
DC  HOP3   H N N 95  
DC  HOP2   H N N 96  
DC  "H5'"  H N N 97  
DC  "H5''" H N N 98  
DC  "H4'"  H N N 99  
DC  "H3'"  H N N 100 
DC  "HO3'" H N N 101 
DC  "H2'"  H N N 102 
DC  "H2''" H N N 103 
DC  "H1'"  H N N 104 
DC  H41    H N N 105 
DC  H42    H N N 106 
DC  H5     H N N 107 
DC  H6     H N N 108 
DG  OP3    O N N 109 
DG  P      P N N 110 
DG  OP1    O N N 111 
DG  OP2    O N N 112 
DG  "O5'"  O N N 113 
DG  "C5'"  C N N 114 
DG  "C4'"  C N R 115 
DG  "O4'"  O N N 116 
DG  "C3'"  C N S 117 
DG  "O3'"  O N N 118 
DG  "C2'"  C N N 119 
DG  "C1'"  C N R 120 
DG  N9     N Y N 121 
DG  C8     C Y N 122 
DG  N7     N Y N 123 
DG  C5     C Y N 124 
DG  C6     C N N 125 
DG  O6     O N N 126 
DG  N1     N N N 127 
DG  C2     C N N 128 
DG  N2     N N N 129 
DG  N3     N N N 130 
DG  C4     C Y N 131 
DG  HOP3   H N N 132 
DG  HOP2   H N N 133 
DG  "H5'"  H N N 134 
DG  "H5''" H N N 135 
DG  "H4'"  H N N 136 
DG  "H3'"  H N N 137 
DG  "HO3'" H N N 138 
DG  "H2'"  H N N 139 
DG  "H2''" H N N 140 
DG  "H1'"  H N N 141 
DG  H8     H N N 142 
DG  H1     H N N 143 
DG  H21    H N N 144 
DG  H22    H N N 145 
DT  OP3    O N N 146 
DT  P      P N N 147 
DT  OP1    O N N 148 
DT  OP2    O N N 149 
DT  "O5'"  O N N 150 
DT  "C5'"  C N N 151 
DT  "C4'"  C N R 152 
DT  "O4'"  O N N 153 
DT  "C3'"  C N S 154 
DT  "O3'"  O N N 155 
DT  "C2'"  C N N 156 
DT  "C1'"  C N R 157 
DT  N1     N N N 158 
DT  C2     C N N 159 
DT  O2     O N N 160 
DT  N3     N N N 161 
DT  C4     C N N 162 
DT  O4     O N N 163 
DT  C5     C N N 164 
DT  C7     C N N 165 
DT  C6     C N N 166 
DT  HOP3   H N N 167 
DT  HOP2   H N N 168 
DT  "H5'"  H N N 169 
DT  "H5''" H N N 170 
DT  "H4'"  H N N 171 
DT  "H3'"  H N N 172 
DT  "HO3'" H N N 173 
DT  "H2'"  H N N 174 
DT  "H2''" H N N 175 
DT  "H1'"  H N N 176 
DT  H3     H N N 177 
DT  H71    H N N 178 
DT  H72    H N N 179 
DT  H73    H N N 180 
DT  H6     H N N 181 
# 
loop_
_chem_comp_bond.comp_id 
_chem_comp_bond.atom_id_1 
_chem_comp_bond.atom_id_2 
_chem_comp_bond.value_order 
_chem_comp_bond.pdbx_aromatic_flag 
_chem_comp_bond.pdbx_stereo_config 
_chem_comp_bond.pdbx_ordinal 
8OG OP3   P      sing N N 1   
8OG OP3   HOP3   sing N N 2   
8OG P     OP1    doub N N 3   
8OG P     OP2    sing N N 4   
8OG P     "O5'"  sing N N 5   
8OG OP2   HOP2   sing N N 6   
8OG "O5'" "C5'"  sing N N 7   
8OG "C5'" "C4'"  sing N N 8   
8OG "C5'" "H5'"  sing N N 9   
8OG "C5'" "H5''" sing N N 10  
8OG "C4'" "O4'"  sing N N 11  
8OG "C4'" "C3'"  sing N N 12  
8OG "C4'" "H4'"  sing N N 13  
8OG "O4'" "C1'"  sing N N 14  
8OG "C3'" "O3'"  sing N N 15  
8OG "C3'" "C2'"  sing N N 16  
8OG "C3'" "H3'"  sing N N 17  
8OG "O3'" "HO3'" sing N N 18  
8OG "C2'" "C1'"  sing N N 19  
8OG "C2'" "H2'"  sing N N 20  
8OG "C2'" "H2''" sing N N 21  
8OG "C1'" N9     sing N N 22  
8OG "C1'" "H1'"  sing N N 23  
8OG N9    C8     sing N N 24  
8OG N9    C4     sing N N 25  
8OG C8    N7     sing N N 26  
8OG C8    O8     doub N N 27  
8OG N7    C5     sing N N 28  
8OG N7    H7     sing N N 29  
8OG C5    C6     sing N N 30  
8OG C5    C4     doub N N 31  
8OG C6    O6     doub N N 32  
8OG C6    N1     sing N N 33  
8OG N1    C2     sing N N 34  
8OG N1    H1     sing N N 35  
8OG C2    N2     sing N N 36  
8OG C2    N3     doub N N 37  
8OG N2    H21    sing N N 38  
8OG N2    H22    sing N N 39  
8OG N3    C4     sing N N 40  
DA  OP3   P      sing N N 41  
DA  OP3   HOP3   sing N N 42  
DA  P     OP1    doub N N 43  
DA  P     OP2    sing N N 44  
DA  P     "O5'"  sing N N 45  
DA  OP2   HOP2   sing N N 46  
DA  "O5'" "C5'"  sing N N 47  
DA  "C5'" "C4'"  sing N N 48  
DA  "C5'" "H5'"  sing N N 49  
DA  "C5'" "H5''" sing N N 50  
DA  "C4'" "O4'"  sing N N 51  
DA  "C4'" "C3'"  sing N N 52  
DA  "C4'" "H4'"  sing N N 53  
DA  "O4'" "C1'"  sing N N 54  
DA  "C3'" "O3'"  sing N N 55  
DA  "C3'" "C2'"  sing N N 56  
DA  "C3'" "H3'"  sing N N 57  
DA  "O3'" "HO3'" sing N N 58  
DA  "C2'" "C1'"  sing N N 59  
DA  "C2'" "H2'"  sing N N 60  
DA  "C2'" "H2''" sing N N 61  
DA  "C1'" N9     sing N N 62  
DA  "C1'" "H1'"  sing N N 63  
DA  N9    C8     sing Y N 64  
DA  N9    C4     sing Y N 65  
DA  C8    N7     doub Y N 66  
DA  C8    H8     sing N N 67  
DA  N7    C5     sing Y N 68  
DA  C5    C6     sing Y N 69  
DA  C5    C4     doub Y N 70  
DA  C6    N6     sing N N 71  
DA  C6    N1     doub Y N 72  
DA  N6    H61    sing N N 73  
DA  N6    H62    sing N N 74  
DA  N1    C2     sing Y N 75  
DA  C2    N3     doub Y N 76  
DA  C2    H2     sing N N 77  
DA  N3    C4     sing Y N 78  
DC  OP3   P      sing N N 79  
DC  OP3   HOP3   sing N N 80  
DC  P     OP1    doub N N 81  
DC  P     OP2    sing N N 82  
DC  P     "O5'"  sing N N 83  
DC  OP2   HOP2   sing N N 84  
DC  "O5'" "C5'"  sing N N 85  
DC  "C5'" "C4'"  sing N N 86  
DC  "C5'" "H5'"  sing N N 87  
DC  "C5'" "H5''" sing N N 88  
DC  "C4'" "O4'"  sing N N 89  
DC  "C4'" "C3'"  sing N N 90  
DC  "C4'" "H4'"  sing N N 91  
DC  "O4'" "C1'"  sing N N 92  
DC  "C3'" "O3'"  sing N N 93  
DC  "C3'" "C2'"  sing N N 94  
DC  "C3'" "H3'"  sing N N 95  
DC  "O3'" "HO3'" sing N N 96  
DC  "C2'" "C1'"  sing N N 97  
DC  "C2'" "H2'"  sing N N 98  
DC  "C2'" "H2''" sing N N 99  
DC  "C1'" N1     sing N N 100 
DC  "C1'" "H1'"  sing N N 101 
DC  N1    C2     sing N N 102 
DC  N1    C6     sing N N 103 
DC  C2    O2     doub N N 104 
DC  C2    N3     sing N N 105 
DC  N3    C4     doub N N 106 
DC  C4    N4     sing N N 107 
DC  C4    C5     sing N N 108 
DC  N4    H41    sing N N 109 
DC  N4    H42    sing N N 110 
DC  C5    C6     doub N N 111 
DC  C5    H5     sing N N 112 
DC  C6    H6     sing N N 113 
DG  OP3   P      sing N N 114 
DG  OP3   HOP3   sing N N 115 
DG  P     OP1    doub N N 116 
DG  P     OP2    sing N N 117 
DG  P     "O5'"  sing N N 118 
DG  OP2   HOP2   sing N N 119 
DG  "O5'" "C5'"  sing N N 120 
DG  "C5'" "C4'"  sing N N 121 
DG  "C5'" "H5'"  sing N N 122 
DG  "C5'" "H5''" sing N N 123 
DG  "C4'" "O4'"  sing N N 124 
DG  "C4'" "C3'"  sing N N 125 
DG  "C4'" "H4'"  sing N N 126 
DG  "O4'" "C1'"  sing N N 127 
DG  "C3'" "O3'"  sing N N 128 
DG  "C3'" "C2'"  sing N N 129 
DG  "C3'" "H3'"  sing N N 130 
DG  "O3'" "HO3'" sing N N 131 
DG  "C2'" "C1'"  sing N N 132 
DG  "C2'" "H2'"  sing N N 133 
DG  "C2'" "H2''" sing N N 134 
DG  "C1'" N9     sing N N 135 
DG  "C1'" "H1'"  sing N N 136 
DG  N9    C8     sing Y N 137 
DG  N9    C4     sing Y N 138 
DG  C8    N7     doub Y N 139 
DG  C8    H8     sing N N 140 
DG  N7    C5     sing Y N 141 
DG  C5    C6     sing N N 142 
DG  C5    C4     doub Y N 143 
DG  C6    O6     doub N N 144 
DG  C6    N1     sing N N 145 
DG  N1    C2     sing N N 146 
DG  N1    H1     sing N N 147 
DG  C2    N2     sing N N 148 
DG  C2    N3     doub N N 149 
DG  N2    H21    sing N N 150 
DG  N2    H22    sing N N 151 
DG  N3    C4     sing N N 152 
DT  OP3   P      sing N N 153 
DT  OP3   HOP3   sing N N 154 
DT  P     OP1    doub N N 155 
DT  P     OP2    sing N N 156 
DT  P     "O5'"  sing N N 157 
DT  OP2   HOP2   sing N N 158 
DT  "O5'" "C5'"  sing N N 159 
DT  "C5'" "C4'"  sing N N 160 
DT  "C5'" "H5'"  sing N N 161 
DT  "C5'" "H5''" sing N N 162 
DT  "C4'" "O4'"  sing N N 163 
DT  "C4'" "C3'"  sing N N 164 
DT  "C4'" "H4'"  sing N N 165 
DT  "O4'" "C1'"  sing N N 166 
DT  "C3'" "O3'"  sing N N 167 
DT  "C3'" "C2'"  sing N N 168 
DT  "C3'" "H3'"  sing N N 169 
DT  "O3'" "HO3'" sing N N 170 
DT  "C2'" "C1'"  sing N N 171 
DT  "C2'" "H2'"  sing N N 172 
DT  "C2'" "H2''" sing N N 173 
DT  "C1'" N1     sing N N 174 
DT  "C1'" "H1'"  sing N N 175 
DT  N1    C2     sing N N 176 
DT  N1    C6     sing N N 177 
DT  C2    O2     doub N N 178 
DT  C2    N3     sing N N 179 
DT  N3    C4     sing N N 180 
DT  N3    H3     sing N N 181 
DT  C4    O4     doub N N 182 
DT  C4    C5     sing N N 183 
DT  C5    C7     sing N N 184 
DT  C5    C6     doub N N 185 
DT  C7    H71    sing N N 186 
DT  C7    H72    sing N N 187 
DT  C7    H73    sing N N 188 
DT  C6    H6     sing N N 189 
# 
loop_
_ndb_struct_conf_na.entry_id 
_ndb_struct_conf_na.feature 
1N2W 'double helix'        
1N2W 'b-form double helix' 
# 
loop_
_ndb_struct_na_base_pair.model_number 
_ndb_struct_na_base_pair.i_label_asym_id 
_ndb_struct_na_base_pair.i_label_comp_id 
_ndb_struct_na_base_pair.i_label_seq_id 
_ndb_struct_na_base_pair.i_symmetry 
_ndb_struct_na_base_pair.j_label_asym_id 
_ndb_struct_na_base_pair.j_label_comp_id 
_ndb_struct_na_base_pair.j_label_seq_id 
_ndb_struct_na_base_pair.j_symmetry 
_ndb_struct_na_base_pair.shear 
_ndb_struct_na_base_pair.stretch 
_ndb_struct_na_base_pair.stagger 
_ndb_struct_na_base_pair.buckle 
_ndb_struct_na_base_pair.propeller 
_ndb_struct_na_base_pair.opening 
_ndb_struct_na_base_pair.pair_number 
_ndb_struct_na_base_pair.pair_name 
_ndb_struct_na_base_pair.i_auth_asym_id 
_ndb_struct_na_base_pair.i_auth_seq_id 
_ndb_struct_na_base_pair.i_PDB_ins_code 
_ndb_struct_na_base_pair.j_auth_asym_id 
_ndb_struct_na_base_pair.j_auth_seq_id 
_ndb_struct_na_base_pair.j_PDB_ins_code 
_ndb_struct_na_base_pair.hbond_type_28 
_ndb_struct_na_base_pair.hbond_type_12 
1 A DC  1  1_555 B DG  12 1_555 -0.255 0.099  0.310  -10.727 -10.650 -4.746  1  A_DC1:DG24_B  A 1  ? B 24 ? 19 1 
1 A DG  2  1_555 B DC  11 1_555 0.014  -0.081 0.170  -3.426  -3.676  -3.396  2  A_DG2:DC23_B  A 2  ? B 23 ? 19 1 
1 A DC  3  1_555 B DG  10 1_555 0.163  -0.064 -0.046 -4.826  1.307   -5.953  3  A_DC3:DG22_B  A 3  ? B 22 ? 19 1 
1 A DG  4  1_555 B 8OG 9  1_555 -1.351 6.103  1.227  -9.202  -20.512 -77.052 4  A_DG4:8OG21_B A 4  ? B 21 ? ?  ? 
1 A DA  5  1_555 B DT  8  1_555 0.039  0.085  0.569  -3.081  -20.205 11.983  5  A_DA5:DT20_B  A 5  ? B 20 ? 20 1 
1 A DA  6  1_555 B DT  7  1_555 0.032  0.032  0.504  -1.161  -22.948 8.065   6  A_DA6:DT19_B  A 6  ? B 19 ? 20 1 
1 A DT  7  1_555 B DA  6  1_555 -0.110 0.072  0.852  -7.894  -23.235 11.695  7  A_DT7:DA18_B  A 7  ? B 18 ? 20 1 
1 A DT  8  1_555 B DA  5  1_555 -0.103 -0.103 0.415  -8.188  -25.955 7.188   8  A_DT8:DA17_B  A 8  ? B 17 ? 20 1 
1 A 8OG 9  1_555 B DG  4  1_555 2.395  -6.230 0.088  -12.260 12.805  85.779  9  A_8OG9:DG16_B A 9  ? B 16 ? ?  ? 
1 A DG  10 1_555 B DC  3  1_555 0.684  -0.073 0.350  -2.269  -6.108  -3.983  10 A_DG10:DC15_B A 10 ? B 15 ? 19 1 
1 A DC  11 1_555 B DG  2  1_555 0.132  -0.088 0.427  -12.957 -14.605 0.504   11 A_DC11:DG14_B A 11 ? B 14 ? 19 1 
1 A DG  12 1_555 B DC  1  1_555 -0.303 -0.089 0.306  -4.859  2.454   -9.202  12 A_DG12:DC13_B A 12 ? B 13 ? 19 1 
# 
loop_
_ndb_struct_na_base_pair_step.model_number 
_ndb_struct_na_base_pair_step.i_label_asym_id_1 
_ndb_struct_na_base_pair_step.i_label_comp_id_1 
_ndb_struct_na_base_pair_step.i_label_seq_id_1 
_ndb_struct_na_base_pair_step.i_symmetry_1 
_ndb_struct_na_base_pair_step.j_label_asym_id_1 
_ndb_struct_na_base_pair_step.j_label_comp_id_1 
_ndb_struct_na_base_pair_step.j_label_seq_id_1 
_ndb_struct_na_base_pair_step.j_symmetry_1 
_ndb_struct_na_base_pair_step.i_label_asym_id_2 
_ndb_struct_na_base_pair_step.i_label_comp_id_2 
_ndb_struct_na_base_pair_step.i_label_seq_id_2 
_ndb_struct_na_base_pair_step.i_symmetry_2 
_ndb_struct_na_base_pair_step.j_label_asym_id_2 
_ndb_struct_na_base_pair_step.j_label_comp_id_2 
_ndb_struct_na_base_pair_step.j_label_seq_id_2 
_ndb_struct_na_base_pair_step.j_symmetry_2 
_ndb_struct_na_base_pair_step.shift 
_ndb_struct_na_base_pair_step.slide 
_ndb_struct_na_base_pair_step.rise 
_ndb_struct_na_base_pair_step.tilt 
_ndb_struct_na_base_pair_step.roll 
_ndb_struct_na_base_pair_step.twist 
_ndb_struct_na_base_pair_step.x_displacement 
_ndb_struct_na_base_pair_step.y_displacement 
_ndb_struct_na_base_pair_step.helical_rise 
_ndb_struct_na_base_pair_step.inclination 
_ndb_struct_na_base_pair_step.tip 
_ndb_struct_na_base_pair_step.helical_twist 
_ndb_struct_na_base_pair_step.step_number 
_ndb_struct_na_base_pair_step.step_name 
_ndb_struct_na_base_pair_step.i_auth_asym_id_1 
_ndb_struct_na_base_pair_step.i_auth_seq_id_1 
_ndb_struct_na_base_pair_step.i_PDB_ins_code_1 
_ndb_struct_na_base_pair_step.j_auth_asym_id_1 
_ndb_struct_na_base_pair_step.j_auth_seq_id_1 
_ndb_struct_na_base_pair_step.j_PDB_ins_code_1 
_ndb_struct_na_base_pair_step.i_auth_asym_id_2 
_ndb_struct_na_base_pair_step.i_auth_seq_id_2 
_ndb_struct_na_base_pair_step.i_PDB_ins_code_2 
_ndb_struct_na_base_pair_step.j_auth_asym_id_2 
_ndb_struct_na_base_pair_step.j_auth_seq_id_2 
_ndb_struct_na_base_pair_step.j_PDB_ins_code_2 
1 A DC  1  1_555 B DG  12 1_555 A DG  2  1_555 B DC  11 1_555 -0.066 -0.287 3.234  1.164    4.401  27.004   -1.676 0.422   3.143  
9.341   -2.470  27.378   1  AA_DC1DG2:DC23DG24_BB   A 1  ? B 24 ? A 2  ? B 23 ? 
1 A DG  2  1_555 B DC  11 1_555 A DC  3  1_555 B DG  10 1_555 -0.269 -0.799 3.467  0.538    5.540  35.437   -2.124 0.517   3.305  
9.032   -0.877  35.858   2  AA_DG2DC3:DG22DC23_BB   A 2  ? B 23 ? A 3  ? B 22 ? 
1 A DC  3  1_555 B DG  10 1_555 A DG  4  1_555 B 8OG 9  1_555 3.146  -3.307 2.040  5.868    11.849 63.608   -3.374 -2.791  1.719  
11.115  -5.504  64.827   3  AA_DC3DG4:8OG21DG22_BB  A 3  ? B 22 ? A 4  ? B 21 ? 
1 A DG  4  1_555 B 8OG 9  1_555 A DA  5  1_555 B DT  8  1_555 -0.213 2.485  3.694  -1.432   0.286  3.120    36.028 -23.061 3.640  
4.907   24.604  3.444    4  AA_DG4DA5:DT208OG21_BB  A 4  ? B 21 ? A 5  ? B 20 ? 
1 A DA  5  1_555 B DT  8  1_555 A DA  6  1_555 B DT  7  1_555 -0.408 0.020  2.965  -0.994   1.748  36.307   -0.189 0.527   2.972  
2.802   1.593   36.361   5  AA_DA5DA6:DT19DT20_BB   A 5  ? B 20 ? A 6  ? B 19 ? 
1 A DA  6  1_555 B DT  7  1_555 A DT  7  1_555 B DA  6  1_555 0.528  -0.972 3.306  0.295    -1.877 28.115   -1.548 -1.014  3.368  
-3.857  -0.606  28.177   6  AA_DA6DT7:DA18DT19_BB   A 6  ? B 19 ? A 7  ? B 18 ? 
1 A DT  7  1_555 B DA  6  1_555 A DT  8  1_555 B DA  5  1_555 0.102  -0.250 3.099  1.981    0.077  39.165   -0.381 0.072   3.100  
0.115   -2.952  39.213   7  AA_DT7DT8:DA17DA18_BB   A 7  ? B 18 ? A 8  ? B 17 ? 
1 A DT  8  1_555 B DA  5  1_555 A 8OG 9  1_555 B DG  4  1_555 2.251  -3.397 -0.135 -173.763 -0.111 129.999  -1.699 -0.992  -1.072 
-0.056  87.173  177.365  8  AA_DT88OG9:DG16DA17_BB  A 8  ? B 17 ? A 9  ? B 16 ? 
1 A 8OG 9  1_555 B DG  4  1_555 A DG  10 1_555 B DC  3  1_555 -1.348 4.378  -0.707 -147.374 95.820 -141.255 -2.071 -0.492  -1.833 
-47.975 -73.787 -178.602 9  AA_8OG9DG10:DC15DG16_BB A 9  ? B 16 ? A 10 ? B 15 ? 
1 A DG  10 1_555 B DC  3  1_555 A DC  11 1_555 B DG  2  1_555 0.028  -1.190 3.520  1.308    -3.262 36.351   -1.407 0.153   3.608  
-5.213  -2.090  36.515   10 AA_DG10DC11:DG14DC15_BB A 10 ? B 15 ? A 11 ? B 14 ? 
1 A DC  11 1_555 B DG  2  1_555 A DG  12 1_555 B DC  1  1_555 -0.404 0.030  2.983  -0.882   5.761  27.076   -1.213 0.650   2.938  
12.127  1.857   27.685   11 AA_DC11DG12:DC13DG14_BB A 11 ? B 14 ? A 12 ? B 13 ? 
# 
loop_
_pdbx_nmr_spectrometer.spectrometer_id 
_pdbx_nmr_spectrometer.type 
_pdbx_nmr_spectrometer.manufacturer 
_pdbx_nmr_spectrometer.model 
_pdbx_nmr_spectrometer.field_strength 
1 ? Varian UNITYPLUS 750 
2 ? Varian UNITYPLUS 600 
# 
_atom_sites.entry_id                    1N2W 
_atom_sites.fract_transf_matrix[1][1]   1.000000 
_atom_sites.fract_transf_matrix[1][2]   0.000000 
_atom_sites.fract_transf_matrix[1][3]   0.000000 
_atom_sites.fract_transf_matrix[2][1]   0.000000 
_atom_sites.fract_transf_matrix[2][2]   1.000000 
_atom_sites.fract_transf_matrix[2][3]   0.000000 
_atom_sites.fract_transf_matrix[3][1]   0.000000 
_atom_sites.fract_transf_matrix[3][2]   0.000000 
_atom_sites.fract_transf_matrix[3][3]   1.000000 
_atom_sites.fract_transf_vector[1]      0.00000 
_atom_sites.fract_transf_vector[2]      0.00000 
_atom_sites.fract_transf_vector[3]      0.00000 
# 
loop_
_atom_type.symbol 
C 
H 
N 
O 
P 
# 
loop_
_atom_site.group_PDB 
_atom_site.id 
_atom_site.type_symbol 
_atom_site.label_atom_id 
_atom_site.label_alt_id 
_atom_site.label_comp_id 
_atom_site.label_asym_id 
_atom_site.label_entity_id 
_atom_site.label_seq_id 
_atom_site.pdbx_PDB_ins_code 
_atom_site.Cartn_x 
_atom_site.Cartn_y 
_atom_site.Cartn_z 
_atom_site.occupancy 
_atom_site.B_iso_or_equiv 
_atom_site.pdbx_formal_charge 
_atom_site.auth_seq_id 
_atom_site.auth_comp_id 
_atom_site.auth_asym_id 
_atom_site.auth_atom_id 
_atom_site.pdbx_PDB_model_num 
ATOM   1   O "O5'"  . DC  A 1 1  ? -2.627  -10.730 14.921  1.00 10.00 ? 1  DC  A "O5'"  1 
ATOM   2   C "C5'"  . DC  A 1 1  ? -1.846  -11.296 16.031  1.00 10.00 ? 1  DC  A "C5'"  1 
ATOM   3   C "C4'"  . DC  A 1 1  ? -0.348  -11.107 15.713  1.00 10.00 ? 1  DC  A "C4'"  1 
ATOM   4   O "O4'"  . DC  A 1 1  ? 0.067   -11.899 14.595  1.00 10.00 ? 1  DC  A "O4'"  1 
ATOM   5   C "C3'"  . DC  A 1 1  ? -0.027  -9.623  15.387  1.00 10.00 ? 1  DC  A "C3'"  1 
ATOM   6   O "O3'"  . DC  A 1 1  ? 1.010   -9.161  16.310  1.00 10.00 ? 1  DC  A "O3'"  1 
ATOM   7   C "C2'"  . DC  A 1 1  ? 0.563   -9.744  14.019  1.00 10.00 ? 1  DC  A "C2'"  1 
ATOM   8   C "C1'"  . DC  A 1 1  ? 1.058   -11.189 13.884  1.00 10.00 ? 1  DC  A "C1'"  1 
ATOM   9   N N1     . DC  A 1 1  ? 0.941   -11.560 12.457  1.00 10.00 ? 1  DC  A N1     1 
ATOM   10  C C2     . DC  A 1 1  ? 2.128   -11.961 11.808  1.00 10.00 ? 1  DC  A C2     1 
ATOM   11  O O2     . DC  A 1 1  ? 3.281   -11.805 12.280  1.00 10.00 ? 1  DC  A O2     1 
ATOM   12  N N3     . DC  A 1 1  ? 2.075   -12.558 10.561  1.00 10.00 ? 1  DC  A N3     1 
ATOM   13  C C4     . DC  A 1 1  ? 0.863   -12.809 10.015  1.00 10.00 ? 1  DC  A C4     1 
ATOM   14  N N4     . DC  A 1 1  ? 0.876   -13.266 8.809   1.00 10.00 ? 1  DC  A N4     1 
ATOM   15  C C5     . DC  A 1 1  ? -0.337  -12.406 10.630  1.00 10.00 ? 1  DC  A C5     1 
ATOM   16  C C6     . DC  A 1 1  ? -0.285  -11.813 11.856  1.00 10.00 ? 1  DC  A C6     1 
ATOM   17  H "H5'"  . DC  A 1 1  ? -2.119  -12.351 16.058  1.00 10.00 ? 1  DC  A "H5'"  1 
ATOM   18  H "H5''" . DC  A 1 1  ? -2.131  -10.923 17.015  1.00 10.00 ? 1  DC  A "H5''" 1 
ATOM   19  H "H4'"  . DC  A 1 1  ? 0.203   -11.365 16.617  1.00 10.00 ? 1  DC  A "H4'"  1 
ATOM   20  H "H3'"  . DC  A 1 1  ? -0.930  -9.012  15.363  1.00 10.00 ? 1  DC  A "H3'"  1 
ATOM   21  H "H2'"  . DC  A 1 1  ? -0.234  -9.519  13.309  1.00 10.00 ? 1  DC  A "H2'"  1 
ATOM   22  H "H2''" . DC  A 1 1  ? 1.399   -9.067  13.846  1.00 10.00 ? 1  DC  A "H2''" 1 
ATOM   23  H "H1'"  . DC  A 1 1  ? 2.079   -11.287 14.254  1.00 10.00 ? 1  DC  A "H1'"  1 
ATOM   24  H H41    . DC  A 1 1  ? 1.724   -13.655 8.424   1.00 10.00 ? 1  DC  A H41    1 
ATOM   25  H H42    . DC  A 1 1  ? -0.034  -13.518 8.449   1.00 10.00 ? 1  DC  A H42    1 
ATOM   26  H H5     . DC  A 1 1  ? -1.307  -12.584 10.191  1.00 10.00 ? 1  DC  A H5     1 
ATOM   27  H H6     . DC  A 1 1  ? -1.220  -11.668 12.377  1.00 10.00 ? 1  DC  A H6     1 
ATOM   28  H "HO5'" . DC  A 1 1  ? -3.546  -10.781 15.194  1.00 10.00 ? 1  DC  A "HO5'" 1 
ATOM   29  P P      . DG  A 1 2  ? 1.250   -7.557  16.488  1.00 10.00 ? 2  DG  A P      1 
ATOM   30  O OP1    . DG  A 1 2  ? 2.003   -7.466  17.774  1.00 10.00 ? 2  DG  A OP1    1 
ATOM   31  O OP2    . DG  A 1 2  ? -0.025  -6.753  16.377  1.00 10.00 ? 2  DG  A OP2    1 
ATOM   32  O "O5'"  . DG  A 1 2  ? 2.215   -7.273  15.265  1.00 10.00 ? 2  DG  A "O5'"  1 
ATOM   33  C "C5'"  . DG  A 1 2  ? 3.548   -7.714  15.152  1.00 10.00 ? 2  DG  A "C5'"  1 
ATOM   34  C "C4'"  . DG  A 1 2  ? 4.321   -7.428  13.856  1.00 10.00 ? 2  DG  A "C4'"  1 
ATOM   35  O "O4'"  . DG  A 1 2  ? 3.968   -8.400  12.834  1.00 10.00 ? 2  DG  A "O4'"  1 
ATOM   36  C "C3'"  . DG  A 1 2  ? 4.257   -6.025  13.350  1.00 10.00 ? 2  DG  A "C3'"  1 
ATOM   37  O "O3'"  . DG  A 1 2  ? 5.505   -5.397  13.369  1.00 10.00 ? 2  DG  A "O3'"  1 
ATOM   38  C "C2'"  . DG  A 1 2  ? 3.722   -6.320  11.980  1.00 10.00 ? 2  DG  A "C2'"  1 
ATOM   39  C "C1'"  . DG  A 1 2  ? 4.154   -7.716  11.620  1.00 10.00 ? 2  DG  A "C1'"  1 
ATOM   40  N N9     . DG  A 1 2  ? 3.318   -8.357  10.675  1.00 10.00 ? 2  DG  A N9     1 
ATOM   41  C C8     . DG  A 1 2  ? 1.960   -8.380  10.607  1.00 10.00 ? 2  DG  A C8     1 
ATOM   42  N N7     . DG  A 1 2  ? 1.539   -9.091  9.574   1.00 10.00 ? 2  DG  A N7     1 
ATOM   43  C C5     . DG  A 1 2  ? 2.732   -9.602  8.966   1.00 10.00 ? 2  DG  A C5     1 
ATOM   44  C C6     . DG  A 1 2  ? 2.953   -10.394 7.755   1.00 10.00 ? 2  DG  A C6     1 
ATOM   45  O O6     . DG  A 1 2  ? 2.187   -10.975 7.028   1.00 10.00 ? 2  DG  A O6     1 
ATOM   46  N N1     . DG  A 1 2  ? 4.279   -10.640 7.515   1.00 10.00 ? 2  DG  A N1     1 
ATOM   47  C C2     . DG  A 1 2  ? 5.284   -10.108 8.311   1.00 10.00 ? 2  DG  A C2     1 
ATOM   48  N N2     . DG  A 1 2  ? 6.459   -10.422 7.874   1.00 10.00 ? 2  DG  A N2     1 
ATOM   49  N N3     . DG  A 1 2  ? 5.148   -9.308  9.362   1.00 10.00 ? 2  DG  A N3     1 
ATOM   50  C C4     . DG  A 1 2  ? 3.816   -9.094  9.653   1.00 10.00 ? 2  DG  A C4     1 
ATOM   51  H "H5'"  . DG  A 1 2  ? 3.669   -8.796  15.200  1.00 10.00 ? 2  DG  A "H5'"  1 
ATOM   52  H "H5''" . DG  A 1 2  ? 4.229   -7.245  15.864  1.00 10.00 ? 2  DG  A "H5''" 1 
ATOM   53  H "H4'"  . DG  A 1 2  ? 5.358   -7.655  14.103  1.00 10.00 ? 2  DG  A "H4'"  1 
ATOM   54  H "H3'"  . DG  A 1 2  ? 3.555   -5.414  13.917  1.00 10.00 ? 2  DG  A "H3'"  1 
ATOM   55  H "H2'"  . DG  A 1 2  ? 2.653   -6.140  12.093  1.00 10.00 ? 2  DG  A "H2'"  1 
ATOM   56  H "H2''" . DG  A 1 2  ? 4.052   -5.636  11.198  1.00 10.00 ? 2  DG  A "H2''" 1 
ATOM   57  H "H1'"  . DG  A 1 2  ? 5.194   -7.706  11.294  1.00 10.00 ? 2  DG  A "H1'"  1 
ATOM   58  H H8     . DG  A 1 2  ? 1.281   -7.849  11.258  1.00 10.00 ? 2  DG  A H8     1 
ATOM   59  H H1     . DG  A 1 2  ? 4.519   -11.235 6.735   1.00 10.00 ? 2  DG  A H1     1 
ATOM   60  H H21    . DG  A 1 2  ? 6.652   -11.135 7.184   1.00 10.00 ? 2  DG  A H21    1 
ATOM   61  H H22    . DG  A 1 2  ? 7.214   -9.914  8.309   1.00 10.00 ? 2  DG  A H22    1 
ATOM   62  P P      . DC  A 1 3  ? 5.738   -4.017  12.660  1.00 10.00 ? 3  DC  A P      1 
ATOM   63  O OP1    . DC  A 1 3  ? 6.707   -3.224  13.471  1.00 10.00 ? 3  DC  A OP1    1 
ATOM   64  O OP2    . DC  A 1 3  ? 4.449   -3.368  12.270  1.00 10.00 ? 3  DC  A OP2    1 
ATOM   65  O "O5'"  . DC  A 1 3  ? 6.541   -4.385  11.283  1.00 10.00 ? 3  DC  A "O5'"  1 
ATOM   66  C "C5'"  . DC  A 1 3  ? 7.519   -5.376  11.303  1.00 10.00 ? 3  DC  A "C5'"  1 
ATOM   67  C "C4'"  . DC  A 1 3  ? 8.311   -5.615  10.033  1.00 10.00 ? 3  DC  A "C4'"  1 
ATOM   68  O "O4'"  . DC  A 1 3  ? 7.632   -6.459  9.148   1.00 10.00 ? 3  DC  A "O4'"  1 
ATOM   69  C "C3'"  . DC  A 1 3  ? 8.603   -4.339  9.191   1.00 10.00 ? 3  DC  A "C3'"  1 
ATOM   70  O "O3'"  . DC  A 1 3  ? 9.867   -4.424  8.638   1.00 10.00 ? 3  DC  A "O3'"  1 
ATOM   71  C "C2'"  . DC  A 1 3  ? 7.410   -4.268  8.327   1.00 10.00 ? 3  DC  A "C2'"  1 
ATOM   72  C "C1'"  . DC  A 1 3  ? 7.369   -5.786  7.944   1.00 10.00 ? 3  DC  A "C1'"  1 
ATOM   73  N N1     . DC  A 1 3  ? 6.097   -6.242  7.438   1.00 10.00 ? 3  DC  A N1     1 
ATOM   74  C C2     . DC  A 1 3  ? 5.973   -7.172  6.339   1.00 10.00 ? 3  DC  A C2     1 
ATOM   75  O O2     . DC  A 1 3  ? 6.982   -7.573  5.763   1.00 10.00 ? 3  DC  A O2     1 
ATOM   76  N N3     . DC  A 1 3  ? 4.763   -7.535  5.878   1.00 10.00 ? 3  DC  A N3     1 
ATOM   77  C C4     . DC  A 1 3  ? 3.697   -7.176  6.594   1.00 10.00 ? 3  DC  A C4     1 
ATOM   78  N N4     . DC  A 1 3  ? 2.520   -7.594  6.163   1.00 10.00 ? 3  DC  A N4     1 
ATOM   79  C C5     . DC  A 1 3  ? 3.819   -6.380  7.740   1.00 10.00 ? 3  DC  A C5     1 
ATOM   80  C C6     . DC  A 1 3  ? 5.009   -5.885  8.154   1.00 10.00 ? 3  DC  A C6     1 
ATOM   81  H "H5'"  . DC  A 1 3  ? 7.057   -6.337  11.528  1.00 10.00 ? 3  DC  A "H5'"  1 
ATOM   82  H "H5''" . DC  A 1 3  ? 8.229   -5.145  12.098  1.00 10.00 ? 3  DC  A "H5''" 1 
ATOM   83  H "H4'"  . DC  A 1 3  ? 9.232   -6.128  10.314  1.00 10.00 ? 3  DC  A "H4'"  1 
ATOM   84  H "H3'"  . DC  A 1 3  ? 8.662   -3.436  9.799   1.00 10.00 ? 3  DC  A "H3'"  1 
ATOM   85  H "H2'"  . DC  A 1 3  ? 6.555   -3.935  8.916   1.00 10.00 ? 3  DC  A "H2'"  1 
ATOM   86  H "H2''" . DC  A 1 3  ? 7.481   -3.603  7.467   1.00 10.00 ? 3  DC  A "H2''" 1 
ATOM   87  H "H1'"  . DC  A 1 3  ? 8.151   -6.011  7.218   1.00 10.00 ? 3  DC  A "H1'"  1 
ATOM   88  H H41    . DC  A 1 3  ? 2.445   -8.215  5.370   1.00 10.00 ? 3  DC  A H41    1 
ATOM   89  H H42    . DC  A 1 3  ? 1.713   -7.442  6.751   1.00 10.00 ? 3  DC  A H42    1 
ATOM   90  H H5     . DC  A 1 3  ? 2.907   -6.089  8.239   1.00 10.00 ? 3  DC  A H5     1 
ATOM   91  H H6     . DC  A 1 3  ? 5.074   -5.342  9.085   1.00 10.00 ? 3  DC  A H6     1 
ATOM   92  P P      . DG  A 1 4  ? 10.593  -3.222  7.905   1.00 10.00 ? 4  DG  A P      1 
ATOM   93  O OP1    . DG  A 1 4  ? 12.013  -3.572  7.801   1.00 10.00 ? 4  DG  A OP1    1 
ATOM   94  O OP2    . DG  A 1 4  ? 10.219  -2.007  8.619   1.00 10.00 ? 4  DG  A OP2    1 
ATOM   95  O "O5'"  . DG  A 1 4  ? 10.032  -3.218  6.473   1.00 10.00 ? 4  DG  A "O5'"  1 
ATOM   96  C "C5'"  . DG  A 1 4  ? 10.252  -4.327  5.612   1.00 10.00 ? 4  DG  A "C5'"  1 
ATOM   97  C "C4'"  . DG  A 1 4  ? 9.233   -4.267  4.480   1.00 10.00 ? 4  DG  A "C4'"  1 
ATOM   98  O "O4'"  . DG  A 1 4  ? 7.944   -4.690  4.882   1.00 10.00 ? 4  DG  A "O4'"  1 
ATOM   99  C "C3'"  . DG  A 1 4  ? 9.165   -3.018  3.647   1.00 10.00 ? 4  DG  A "C3'"  1 
ATOM   100 O "O3'"  . DG  A 1 4  ? 9.726   -3.285  2.372   1.00 10.00 ? 4  DG  A "O3'"  1 
ATOM   101 C "C2'"  . DG  A 1 4  ? 7.662   -2.805  3.675   1.00 10.00 ? 4  DG  A "C2'"  1 
ATOM   102 C "C1'"  . DG  A 1 4  ? 7.155   -4.218  3.841   1.00 10.00 ? 4  DG  A "C1'"  1 
ATOM   103 N N9     . DG  A 1 4  ? 5.709   -4.349  4.147   1.00 10.00 ? 4  DG  A N9     1 
ATOM   104 C C8     . DG  A 1 4  ? 4.882   -3.619  4.987   1.00 10.00 ? 4  DG  A C8     1 
ATOM   105 N N7     . DG  A 1 4  ? 3.643   -3.972  5.006   1.00 10.00 ? 4  DG  A N7     1 
ATOM   106 C C5     . DG  A 1 4  ? 3.596   -5.029  4.103   1.00 10.00 ? 4  DG  A C5     1 
ATOM   107 C C6     . DG  A 1 4  ? 2.500   -5.793  3.596   1.00 10.00 ? 4  DG  A C6     1 
ATOM   108 O O6     . DG  A 1 4  ? 1.334   -5.747  3.883   1.00 10.00 ? 4  DG  A O6     1 
ATOM   109 N N1     . DG  A 1 4  ? 2.803   -6.550  2.501   1.00 10.00 ? 4  DG  A N1     1 
ATOM   110 C C2     . DG  A 1 4  ? 4.057   -6.673  2.018   1.00 10.00 ? 4  DG  A C2     1 
ATOM   111 N N2     . DG  A 1 4  ? 4.204   -7.314  0.923   1.00 10.00 ? 4  DG  A N2     1 
ATOM   112 N N3     . DG  A 1 4  ? 5.076   -5.972  2.494   1.00 10.00 ? 4  DG  A N3     1 
ATOM   113 C C4     . DG  A 1 4  ? 4.830   -5.268  3.580   1.00 10.00 ? 4  DG  A C4     1 
ATOM   114 H "H5'"  . DG  A 1 4  ? 10.280  -5.288  6.126   1.00 10.00 ? 4  DG  A "H5'"  1 
ATOM   115 H "H5''" . DG  A 1 4  ? 11.178  -4.290  5.040   1.00 10.00 ? 4  DG  A "H5''" 1 
ATOM   116 H "H4'"  . DG  A 1 4  ? 9.613   -5.048  3.822   1.00 10.00 ? 4  DG  A "H4'"  1 
ATOM   117 H "H3'"  . DG  A 1 4  ? 9.569   -2.185  4.222   1.00 10.00 ? 4  DG  A "H3'"  1 
ATOM   118 H "H2'"  . DG  A 1 4  ? 7.417   -2.127  4.493   1.00 10.00 ? 4  DG  A "H2'"  1 
ATOM   119 H "H2''" . DG  A 1 4  ? 7.261   -2.266  2.816   1.00 10.00 ? 4  DG  A "H2''" 1 
ATOM   120 H "H1'"  . DG  A 1 4  ? 7.353   -4.832  2.961   1.00 10.00 ? 4  DG  A "H1'"  1 
ATOM   121 H H8     . DG  A 1 4  ? 5.205   -2.771  5.574   1.00 10.00 ? 4  DG  A H8     1 
ATOM   122 H H1     . DG  A 1 4  ? 2.092   -7.183  2.164   1.00 10.00 ? 4  DG  A H1     1 
ATOM   123 H H21    . DG  A 1 4  ? 3.295   -7.379  0.485   1.00 10.00 ? 4  DG  A H21    1 
ATOM   124 H H22    . DG  A 1 4  ? 5.041   -7.114  0.394   1.00 10.00 ? 4  DG  A H22    1 
ATOM   125 P P      . DA  A 1 5  ? 9.466   -2.341  1.091   1.00 10.00 ? 5  DA  A P      1 
ATOM   126 O OP1    . DA  A 1 5  ? 10.801  -2.272  0.440   1.00 10.00 ? 5  DA  A OP1    1 
ATOM   127 O OP2    . DA  A 1 5  ? 8.786   -1.088  1.434   1.00 10.00 ? 5  DA  A OP2    1 
ATOM   128 O "O5'"  . DA  A 1 5  ? 8.516   -3.203  0.255   1.00 10.00 ? 5  DA  A "O5'"  1 
ATOM   129 C "C5'"  . DA  A 1 5  ? 8.823   -4.558  -0.130  1.00 10.00 ? 5  DA  A "C5'"  1 
ATOM   130 C "C4'"  . DA  A 1 5  ? 7.888   -5.098  -1.203  1.00 10.00 ? 5  DA  A "C4'"  1 
ATOM   131 O "O4'"  . DA  A 1 5  ? 6.691   -5.343  -0.571  1.00 10.00 ? 5  DA  A "O4'"  1 
ATOM   132 C "C3'"  . DA  A 1 5  ? 7.785   -4.062  -2.293  1.00 10.00 ? 5  DA  A "C3'"  1 
ATOM   133 O "O3'"  . DA  A 1 5  ? 7.874   -4.646  -3.599  1.00 10.00 ? 5  DA  A "O3'"  1 
ATOM   134 C "C2'"  . DA  A 1 5  ? 6.408   -3.480  -1.996  1.00 10.00 ? 5  DA  A "C2'"  1 
ATOM   135 C "C1'"  . DA  A 1 5  ? 5.704   -4.589  -1.214  1.00 10.00 ? 5  DA  A "C1'"  1 
ATOM   136 N N9     . DA  A 1 5  ? 4.797   -3.960  -0.198  1.00 10.00 ? 5  DA  A N9     1 
ATOM   137 C C8     . DA  A 1 5  ? 5.154   -3.044  0.781   1.00 10.00 ? 5  DA  A C8     1 
ATOM   138 N N7     . DA  A 1 5  ? 4.118   -2.631  1.450   1.00 10.00 ? 5  DA  A N7     1 
ATOM   139 C C5     . DA  A 1 5  ? 3.040   -3.384  0.968   1.00 10.00 ? 5  DA  A C5     1 
ATOM   140 C C6     . DA  A 1 5  ? 1.650   -3.505  1.312   1.00 10.00 ? 5  DA  A C6     1 
ATOM   141 N N6     . DA  A 1 5  ? 1.058   -2.819  2.285   1.00 10.00 ? 5  DA  A N6     1 
ATOM   142 N N1     . DA  A 1 5  ? 0.904   -4.505  0.760   1.00 10.00 ? 5  DA  A N1     1 
ATOM   143 C C2     . DA  A 1 5  ? 1.437   -5.157  -0.304  1.00 10.00 ? 5  DA  A C2     1 
ATOM   144 N N3     . DA  A 1 5  ? 2.693   -5.188  -0.757  1.00 10.00 ? 5  DA  A N3     1 
ATOM   145 C C4     . DA  A 1 5  ? 3.438   -4.237  -0.066  1.00 10.00 ? 5  DA  A C4     1 
ATOM   146 H "H5'"  . DA  A 1 5  ? 8.867   -5.185  0.761   1.00 10.00 ? 5  DA  A "H5'"  1 
ATOM   147 H "H5''" . DA  A 1 5  ? 9.809   -4.623  -0.591  1.00 10.00 ? 5  DA  A "H5''" 1 
ATOM   148 H "H4'"  . DA  A 1 5  ? 8.252   -6.009  -1.679  1.00 10.00 ? 5  DA  A "H4'"  1 
ATOM   149 H "H3'"  . DA  A 1 5  ? 8.542   -3.279  -2.254  1.00 10.00 ? 5  DA  A "H3'"  1 
ATOM   150 H "H2'"  . DA  A 1 5  ? 6.479   -2.590  -1.369  1.00 10.00 ? 5  DA  A "H2'"  1 
ATOM   151 H "H2''" . DA  A 1 5  ? 5.891   -3.245  -2.926  1.00 10.00 ? 5  DA  A "H2''" 1 
ATOM   152 H "H1'"  . DA  A 1 5  ? 5.166   -5.238  -1.905  1.00 10.00 ? 5  DA  A "H1'"  1 
ATOM   153 H H8     . DA  A 1 5  ? 6.193   -2.776  0.896   1.00 10.00 ? 5  DA  A H8     1 
ATOM   154 H H61    . DA  A 1 5  ? 0.099   -2.914  2.591   1.00 10.00 ? 5  DA  A H61    1 
ATOM   155 H H62    . DA  A 1 5  ? 1.683   -2.263  2.851   1.00 10.00 ? 5  DA  A H62    1 
ATOM   156 H H2     . DA  A 1 5  ? 0.764   -5.819  -0.827  1.00 10.00 ? 5  DA  A H2     1 
ATOM   157 P P      . DA  A 1 6  ? 7.655   -3.789  -4.963  1.00 10.00 ? 6  DA  A P      1 
ATOM   158 O OP1    . DA  A 1 6  ? 8.515   -4.323  -6.039  1.00 10.00 ? 6  DA  A OP1    1 
ATOM   159 O OP2    . DA  A 1 6  ? 7.767   -2.352  -4.691  1.00 10.00 ? 6  DA  A OP2    1 
ATOM   160 O "O5'"  . DA  A 1 6  ? 6.147   -4.112  -5.382  1.00 10.00 ? 6  DA  A "O5'"  1 
ATOM   161 C "C5'"  . DA  A 1 6  ? 5.709   -5.424  -5.438  1.00 10.00 ? 6  DA  A "C5'"  1 
ATOM   162 C "C4'"  . DA  A 1 6  ? 4.211   -5.566  -5.813  1.00 10.00 ? 6  DA  A "C4'"  1 
ATOM   163 O "O4'"  . DA  A 1 6  ? 3.440   -5.374  -4.653  1.00 10.00 ? 6  DA  A "O4'"  1 
ATOM   164 C "C3'"  . DA  A 1 6  ? 3.805   -4.683  -6.974  1.00 10.00 ? 6  DA  A "C3'"  1 
ATOM   165 O "O3'"  . DA  A 1 6  ? 3.095   -5.454  -7.883  1.00 10.00 ? 6  DA  A "O3'"  1 
ATOM   166 C "C2'"  . DA  A 1 6  ? 3.032   -3.640  -6.247  1.00 10.00 ? 6  DA  A "C2'"  1 
ATOM   167 C "C1'"  . DA  A 1 6  ? 2.524   -4.319  -5.001  1.00 10.00 ? 6  DA  A "C1'"  1 
ATOM   168 N N9     . DA  A 1 6  ? 2.492   -3.434  -3.825  1.00 10.00 ? 6  DA  A N9     1 
ATOM   169 C C8     . DA  A 1 6  ? 3.437   -2.507  -3.415  1.00 10.00 ? 6  DA  A C8     1 
ATOM   170 N N7     . DA  A 1 6  ? 3.090   -1.757  -2.414  1.00 10.00 ? 6  DA  A N7     1 
ATOM   171 C C5     . DA  A 1 6  ? 1.808   -2.224  -2.142  1.00 10.00 ? 6  DA  A C5     1 
ATOM   172 C C6     . DA  A 1 6  ? 0.772   -1.887  -1.226  1.00 10.00 ? 6  DA  A C6     1 
ATOM   173 N N6     . DA  A 1 6  ? 0.856   -0.971  -0.232  1.00 10.00 ? 6  DA  A N6     1 
ATOM   174 N N1     . DA  A 1 6  ? -0.428  -2.510  -1.271  1.00 10.00 ? 6  DA  A N1     1 
ATOM   175 C C2     . DA  A 1 6  ? -0.599  -3.403  -2.209  1.00 10.00 ? 6  DA  A C2     1 
ATOM   176 N N3     . DA  A 1 6  ? 0.224   -3.849  -3.140  1.00 10.00 ? 6  DA  A N3     1 
ATOM   177 C C4     . DA  A 1 6  ? 1.427   -3.234  -2.991  1.00 10.00 ? 6  DA  A C4     1 
ATOM   178 H "H5'"  . DA  A 1 6  ? 5.847   -5.843  -4.440  1.00 10.00 ? 6  DA  A "H5'"  1 
ATOM   179 H "H5''" . DA  A 1 6  ? 6.305   -5.943  -6.189  1.00 10.00 ? 6  DA  A "H5''" 1 
ATOM   180 H "H4'"  . DA  A 1 6  ? 4.145   -6.608  -6.129  1.00 10.00 ? 6  DA  A "H4'"  1 
ATOM   181 H "H3'"  . DA  A 1 6  ? 4.640   -4.254  -7.528  1.00 10.00 ? 6  DA  A "H3'"  1 
ATOM   182 H "H2'"  . DA  A 1 6  ? 3.700   -2.813  -6.004  1.00 10.00 ? 6  DA  A "H2'"  1 
ATOM   183 H "H2''" . DA  A 1 6  ? 2.209   -3.204  -6.812  1.00 10.00 ? 6  DA  A "H2''" 1 
ATOM   184 H "H1'"  . DA  A 1 6  ? 1.510   -4.710  -5.086  1.00 10.00 ? 6  DA  A "H1'"  1 
ATOM   185 H H8     . DA  A 1 6  ? 4.362   -2.403  -3.962  1.00 10.00 ? 6  DA  A H8     1 
ATOM   186 H H61    . DA  A 1 6  ? 0.074   -0.818  0.389   1.00 10.00 ? 6  DA  A H61    1 
ATOM   187 H H62    . DA  A 1 6  ? 1.655   -0.356  -0.266  1.00 10.00 ? 6  DA  A H62    1 
ATOM   188 H H2     . DA  A 1 6  ? -1.584  -3.843  -2.197  1.00 10.00 ? 6  DA  A H2     1 
ATOM   189 P P      . DT  A 1 7  ? 2.480   -4.896  -9.215  1.00 10.00 ? 7  DT  A P      1 
ATOM   190 O OP1    . DT  A 1 7  ? 2.240   -6.066  -10.100 1.00 10.00 ? 7  DT  A OP1    1 
ATOM   191 O OP2    . DT  A 1 7  ? 3.231   -3.781  -9.677  1.00 10.00 ? 7  DT  A OP2    1 
ATOM   192 O "O5'"  . DT  A 1 7  ? 1.101   -4.448  -8.785  1.00 10.00 ? 7  DT  A "O5'"  1 
ATOM   193 C "C5'"  . DT  A 1 7  ? 0.215   -5.217  -7.995  1.00 10.00 ? 7  DT  A "C5'"  1 
ATOM   194 C "C4'"  . DT  A 1 7  ? -0.847  -4.424  -7.267  1.00 10.00 ? 7  DT  A "C4'"  1 
ATOM   195 O "O4'"  . DT  A 1 7  ? -0.323  -3.595  -6.204  1.00 10.00 ? 7  DT  A "O4'"  1 
ATOM   196 C "C3'"  . DT  A 1 7  ? -1.586  -3.443  -8.164  1.00 10.00 ? 7  DT  A "C3'"  1 
ATOM   197 O "O3'"  . DT  A 1 7  ? -2.796  -4.062  -8.674  1.00 10.00 ? 7  DT  A "O3'"  1 
ATOM   198 C "C2'"  . DT  A 1 7  ? -1.882  -2.331  -7.150  1.00 10.00 ? 7  DT  A "C2'"  1 
ATOM   199 C "C1'"  . DT  A 1 7  ? -1.316  -2.663  -5.855  1.00 10.00 ? 7  DT  A "C1'"  1 
ATOM   200 N N1     . DT  A 1 7  ? -0.765  -1.459  -5.136  1.00 10.00 ? 7  DT  A N1     1 
ATOM   201 C C2     . DT  A 1 7  ? -1.531  -0.943  -4.074  1.00 10.00 ? 7  DT  A C2     1 
ATOM   202 O O2     . DT  A 1 7  ? -2.668  -1.321  -3.868  1.00 10.00 ? 7  DT  A O2     1 
ATOM   203 N N3     . DT  A 1 7  ? -0.993  0.127   -3.409  1.00 10.00 ? 7  DT  A N3     1 
ATOM   204 C C4     . DT  A 1 7  ? 0.234   0.632   -3.579  1.00 10.00 ? 7  DT  A C4     1 
ATOM   205 O O4     . DT  A 1 7  ? 0.605   1.486   -2.839  1.00 10.00 ? 7  DT  A O4     1 
ATOM   206 C C5     . DT  A 1 7  ? 1.003   0.040   -4.671  1.00 10.00 ? 7  DT  A C5     1 
ATOM   207 C C7     . DT  A 1 7  ? 2.383   0.508   -4.921  1.00 10.00 ? 7  DT  A C7     1 
ATOM   208 C C6     . DT  A 1 7  ? 0.448   -0.910  -5.461  1.00 10.00 ? 7  DT  A C6     1 
ATOM   209 H "H5'"  . DT  A 1 7  ? 0.822   -5.701  -7.230  1.00 10.00 ? 7  DT  A "H5'"  1 
ATOM   210 H "H5''" . DT  A 1 7  ? -0.201  -6.013  -8.613  1.00 10.00 ? 7  DT  A "H5''" 1 
ATOM   211 H "H4'"  . DT  A 1 7  ? -1.518  -5.162  -6.827  1.00 10.00 ? 7  DT  A "H4'"  1 
ATOM   212 H "H3'"  . DT  A 1 7  ? -0.938  -3.023  -8.933  1.00 10.00 ? 7  DT  A "H3'"  1 
ATOM   213 H "H2'"  . DT  A 1 7  ? -1.534  -1.373  -7.537  1.00 10.00 ? 7  DT  A "H2'"  1 
ATOM   214 H "H2''" . DT  A 1 7  ? -2.961  -2.262  -7.007  1.00 10.00 ? 7  DT  A "H2''" 1 
ATOM   215 H "H1'"  . DT  A 1 7  ? -2.086  -3.182  -5.285  1.00 10.00 ? 7  DT  A "H1'"  1 
ATOM   216 H H3     . DT  A 1 7  ? -1.541  0.528   -2.661  1.00 10.00 ? 7  DT  A H3     1 
ATOM   217 H H71    . DT  A 1 7  ? 2.956   -0.227  -5.487  1.00 10.00 ? 7  DT  A H71    1 
ATOM   218 H H72    . DT  A 1 7  ? 2.375   1.478   -5.420  1.00 10.00 ? 7  DT  A H72    1 
ATOM   219 H H73    . DT  A 1 7  ? 2.922   0.622   -3.981  1.00 10.00 ? 7  DT  A H73    1 
ATOM   220 H H6     . DT  A 1 7  ? 0.968   -1.371  -6.288  1.00 10.00 ? 7  DT  A H6     1 
ATOM   221 P P      . DT  A 1 8  ? -3.912  -3.206  -9.470  1.00 10.00 ? 8  DT  A P      1 
ATOM   222 O OP1    . DT  A 1 8  ? -4.776  -4.200  -10.088 1.00 10.00 ? 8  DT  A OP1    1 
ATOM   223 O OP2    . DT  A 1 8  ? -3.171  -2.269  -10.304 1.00 10.00 ? 8  DT  A OP2    1 
ATOM   224 O "O5'"  . DT  A 1 8  ? -4.782  -2.344  -8.372  1.00 10.00 ? 8  DT  A "O5'"  1 
ATOM   225 C "C5'"  . DT  A 1 8  ? -5.538  -3.029  -7.462  1.00 10.00 ? 8  DT  A "C5'"  1 
ATOM   226 C "C4'"  . DT  A 1 8  ? -6.204  -2.151  -6.438  1.00 10.00 ? 8  DT  A "C4'"  1 
ATOM   227 O "O4'"  . DT  A 1 8  ? -5.207  -1.415  -5.745  1.00 10.00 ? 8  DT  A "O4'"  1 
ATOM   228 C "C3'"  . DT  A 1 8  ? -7.259  -1.162  -7.064  1.00 10.00 ? 8  DT  A "C3'"  1 
ATOM   229 O "O3'"  . DT  A 1 8  ? -8.238  -1.119  -6.040  1.00 10.00 ? 8  DT  A "O3'"  1 
ATOM   230 C "C2'"  . DT  A 1 8  ? -6.411  0.158   -7.049  1.00 10.00 ? 8  DT  A "C2'"  1 
ATOM   231 C "C1'"  . DT  A 1 8  ? -5.673  -0.071  -5.678  1.00 10.00 ? 8  DT  A "C1'"  1 
ATOM   232 N N1     . DT  A 1 8  ? -4.452  0.734   -5.598  1.00 10.00 ? 8  DT  A N1     1 
ATOM   233 C C2     . DT  A 1 8  ? -4.342  1.430   -4.419  1.00 10.00 ? 8  DT  A C2     1 
ATOM   234 O O2     . DT  A 1 8  ? -5.096  1.331   -3.476  1.00 10.00 ? 8  DT  A O2     1 
ATOM   235 N N3     . DT  A 1 8  ? -3.287  2.293   -4.370  1.00 10.00 ? 8  DT  A N3     1 
ATOM   236 C C4     . DT  A 1 8  ? -2.253  2.462   -5.282  1.00 10.00 ? 8  DT  A C4     1 
ATOM   237 O O4     . DT  A 1 8  ? -1.287  3.185   -4.952  1.00 10.00 ? 8  DT  A O4     1 
ATOM   238 C C5     . DT  A 1 8  ? -2.318  1.546   -6.438  1.00 10.00 ? 8  DT  A C5     1 
ATOM   239 C C7     . DT  A 1 8  ? -1.131  1.532   -7.404  1.00 10.00 ? 8  DT  A C7     1 
ATOM   240 C C6     . DT  A 1 8  ? -3.435  0.707   -6.557  1.00 10.00 ? 8  DT  A C6     1 
ATOM   241 H "H5'"  . DT  A 1 8  ? -4.855  -3.759  -7.026  1.00 10.00 ? 8  DT  A "H5'"  1 
ATOM   242 H "H5''" . DT  A 1 8  ? -6.363  -3.544  -7.956  1.00 10.00 ? 8  DT  A "H5''" 1 
ATOM   243 H "H4'"  . DT  A 1 8  ? -6.771  -2.750  -5.726  1.00 10.00 ? 8  DT  A "H4'"  1 
ATOM   244 H "H3'"  . DT  A 1 8  ? -7.579  -1.417  -8.074  1.00 10.00 ? 8  DT  A "H3'"  1 
ATOM   245 H "H2'"  . DT  A 1 8  ? -5.726  0.147   -7.897  1.00 10.00 ? 8  DT  A "H2'"  1 
ATOM   246 H "H2''" . DT  A 1 8  ? -7.055  1.037   -7.063  1.00 10.00 ? 8  DT  A "H2''" 1 
ATOM   247 H "H1'"  . DT  A 1 8  ? -6.313  0.039   -4.803  1.00 10.00 ? 8  DT  A "H1'"  1 
ATOM   248 H H3     . DT  A 1 8  ? -3.169  2.809   -3.510  1.00 10.00 ? 8  DT  A H3     1 
ATOM   249 H H71    . DT  A 1 8  ? -0.444  2.374   -7.313  1.00 10.00 ? 8  DT  A H71    1 
ATOM   250 H H72    . DT  A 1 8  ? -0.602  0.589   -7.269  1.00 10.00 ? 8  DT  A H72    1 
ATOM   251 H H73    . DT  A 1 8  ? -1.437  1.488   -8.450  1.00 10.00 ? 8  DT  A H73    1 
ATOM   252 H H6     . DT  A 1 8  ? -3.688  0.128   -7.433  1.00 10.00 ? 8  DT  A H6     1 
HETATM 253 P P      . 8OG A 1 9  ? -9.635  -0.411  -6.140  1.00 10.00 ? 9  8OG A P      1 
HETATM 254 O OP1    . 8OG A 1 9  ? -10.485 -0.784  -5.033  1.00 10.00 ? 9  8OG A OP1    1 
HETATM 255 O OP2    . 8OG A 1 9  ? -10.188 -0.661  -7.476  1.00 10.00 ? 9  8OG A OP2    1 
HETATM 256 O "O5'"  . 8OG A 1 9  ? -9.377  1.189   -6.016  1.00 10.00 ? 9  8OG A "O5'"  1 
HETATM 257 C "C5'"  . 8OG A 1 9  ? -9.049  1.811   -4.741  1.00 10.00 ? 9  8OG A "C5'"  1 
HETATM 258 C "C4'"  . 8OG A 1 9  ? -8.530  3.260   -4.790  1.00 10.00 ? 9  8OG A "C4'"  1 
HETATM 259 O "O4'"  . 8OG A 1 9  ? -7.118  3.326   -4.989  1.00 10.00 ? 9  8OG A "O4'"  1 
HETATM 260 C "C3'"  . 8OG A 1 9  ? -9.230  4.073   -5.831  1.00 10.00 ? 9  8OG A "C3'"  1 
HETATM 261 O "O3'"  . 8OG A 1 9  ? -9.839  5.111   -5.132  1.00 10.00 ? 9  8OG A "O3'"  1 
HETATM 262 C "C2'"  . 8OG A 1 9  ? -8.018  4.562   -6.686  1.00 10.00 ? 9  8OG A "C2'"  1 
HETATM 263 C "C1'"  . 8OG A 1 9  ? -6.897  4.632   -5.598  1.00 10.00 ? 9  8OG A "C1'"  1 
HETATM 264 N N9     . 8OG A 1 9  ? -5.476  4.938   -5.998  1.00 10.00 ? 9  8OG A N9     1 
HETATM 265 C C8     . 8OG A 1 9  ? -4.654  5.673   -5.154  1.00 10.00 ? 9  8OG A C8     1 
HETATM 266 N N7     . 8OG A 1 9  ? -3.426  5.808   -5.639  1.00 10.00 ? 9  8OG A N7     1 
HETATM 267 C C5     . 8OG A 1 9  ? -3.410  5.108   -6.864  1.00 10.00 ? 9  8OG A C5     1 
HETATM 268 C C6     . 8OG A 1 9  ? -2.367  4.887   -7.794  1.00 10.00 ? 9  8OG A C6     1 
HETATM 269 O O6     . 8OG A 1 9  ? -1.239  5.338   -7.825  1.00 10.00 ? 9  8OG A O6     1 
HETATM 270 N N1     . 8OG A 1 9  ? -2.730  4.014   -8.845  1.00 10.00 ? 9  8OG A N1     1 
HETATM 271 C C2     . 8OG A 1 9  ? -3.961  3.375   -8.894  1.00 10.00 ? 9  8OG A C2     1 
HETATM 272 N N2     . 8OG A 1 9  ? -3.943  2.543   -9.952  1.00 10.00 ? 9  8OG A N2     1 
HETATM 273 N N3     . 8OG A 1 9  ? -4.964  3.609   -8.036  1.00 10.00 ? 9  8OG A N3     1 
HETATM 274 C C4     . 8OG A 1 9  ? -4.621  4.467   -7.046  1.00 10.00 ? 9  8OG A C4     1 
HETATM 275 O O8     . 8OG A 1 9  ? -5.044  6.268   -4.151  1.00 10.00 ? 9  8OG A O8     1 
HETATM 276 H "H5'"  . 8OG A 1 9  ? -8.211  1.223   -4.365  1.00 10.00 ? 9  8OG A "H5'"  1 
HETATM 277 H "H5''" . 8OG A 1 9  ? -9.879  1.773   -4.036  1.00 10.00 ? 9  8OG A "H5''" 1 
HETATM 278 H "H4'"  . 8OG A 1 9  ? -8.712  3.740   -3.828  1.00 10.00 ? 9  8OG A "H4'"  1 
HETATM 279 H "H3'"  . 8OG A 1 9  ? -9.929  3.552   -6.485  1.00 10.00 ? 9  8OG A "H3'"  1 
HETATM 280 H "H2'"  . 8OG A 1 9  ? -7.785  3.881   -7.504  1.00 10.00 ? 9  8OG A "H2'"  1 
HETATM 281 H "H2''" . 8OG A 1 9  ? -8.263  5.553   -7.067  1.00 10.00 ? 9  8OG A "H2''" 1 
HETATM 282 H "H1'"  . 8OG A 1 9  ? -7.110  5.381   -4.836  1.00 10.00 ? 9  8OG A "H1'"  1 
HETATM 283 H H7     . 8OG A 1 9  ? -2.758  6.329   -5.089  1.00 10.00 ? 9  8OG A H7     1 
HETATM 284 H H1     . 8OG A 1 9  ? -2.032  3.831   -9.551  1.00 10.00 ? 9  8OG A H1     1 
HETATM 285 H H21    . 8OG A 1 9  ? -3.419  3.019   -10.672 1.00 10.00 ? 9  8OG A H21    1 
HETATM 286 H H22    . 8OG A 1 9  ? -4.906  2.295   -10.128 1.00 10.00 ? 9  8OG A H22    1 
ATOM   287 P P      . DG  A 1 10 ? -11.412 5.311   -4.871  1.00 10.00 ? 10 DG  A P      1 
ATOM   288 O OP1    . DG  A 1 10 ? -11.982 4.339   -3.925  1.00 10.00 ? 10 DG  A OP1    1 
ATOM   289 O OP2    . DG  A 1 10 ? -12.014 5.459   -6.193  1.00 10.00 ? 10 DG  A OP2    1 
ATOM   290 O "O5'"  . DG  A 1 10 ? -11.422 6.751   -4.114  1.00 10.00 ? 10 DG  A "O5'"  1 
ATOM   291 C "C5'"  . DG  A 1 10 ? -11.204 7.979   -4.823  1.00 10.00 ? 10 DG  A "C5'"  1 
ATOM   292 C "C4'"  . DG  A 1 10 ? -10.436 8.877   -3.850  1.00 10.00 ? 10 DG  A "C4'"  1 
ATOM   293 O "O4'"  . DG  A 1 10 ? -9.125  8.492   -3.880  1.00 10.00 ? 10 DG  A "O4'"  1 
ATOM   294 C "C3'"  . DG  A 1 10 ? -10.444 10.392  -4.275  1.00 10.00 ? 10 DG  A "C3'"  1 
ATOM   295 O "O3'"  . DG  A 1 10 ? -10.721 11.261  -3.147  1.00 10.00 ? 10 DG  A "O3'"  1 
ATOM   296 C "C2'"  . DG  A 1 10 ? -9.037  10.621  -4.827  1.00 10.00 ? 10 DG  A "C2'"  1 
ATOM   297 C "C1'"  . DG  A 1 10 ? -8.277  9.609   -3.965  1.00 10.00 ? 10 DG  A "C1'"  1 
ATOM   298 N N9     . DG  A 1 10 ? -7.058  9.282   -4.759  1.00 10.00 ? 10 DG  A N9     1 
ATOM   299 C C8     . DG  A 1 10 ? -7.044  8.600   -5.931  1.00 10.00 ? 10 DG  A C8     1 
ATOM   300 N N7     . DG  A 1 10 ? -5.875  8.583   -6.529  1.00 10.00 ? 10 DG  A N7     1 
ATOM   301 C C5     . DG  A 1 10 ? -5.006  9.193   -5.555  1.00 10.00 ? 10 DG  A C5     1 
ATOM   302 C C6     . DG  A 1 10 ? -3.591  9.492   -5.547  1.00 10.00 ? 10 DG  A C6     1 
ATOM   303 O O6     . DG  A 1 10 ? -2.749  9.184   -6.369  1.00 10.00 ? 10 DG  A O6     1 
ATOM   304 N N1     . DG  A 1 10 ? -3.193  10.104  -4.413  1.00 10.00 ? 10 DG  A N1     1 
ATOM   305 C C2     . DG  A 1 10 ? -3.992  10.534  -3.435  1.00 10.00 ? 10 DG  A C2     1 
ATOM   306 N N2     . DG  A 1 10 ? -3.514  11.351  -2.509  1.00 10.00 ? 10 DG  A N2     1 
ATOM   307 N N3     . DG  A 1 10 ? -5.316  10.302  -3.394  1.00 10.00 ? 10 DG  A N3     1 
ATOM   308 C C4     . DG  A 1 10 ? -5.737  9.616   -4.461  1.00 10.00 ? 10 DG  A C4     1 
ATOM   309 H "H5'"  . DG  A 1 10 ? -12.156 8.458   -5.052  1.00 10.00 ? 10 DG  A "H5'"  1 
ATOM   310 H "H5''" . DG  A 1 10 ? -10.579 7.837   -5.705  1.00 10.00 ? 10 DG  A "H5''" 1 
ATOM   311 H "H4'"  . DG  A 1 10 ? -10.782 8.695   -2.833  1.00 10.00 ? 10 DG  A "H4'"  1 
ATOM   312 H "H3'"  . DG  A 1 10 ? -11.163 10.627  -5.059  1.00 10.00 ? 10 DG  A "H3'"  1 
ATOM   313 H "H2'"  . DG  A 1 10 ? -9.111  10.416  -5.895  1.00 10.00 ? 10 DG  A "H2'"  1 
ATOM   314 H "H2''" . DG  A 1 10 ? -8.697  11.648  -4.696  1.00 10.00 ? 10 DG  A "H2''" 1 
ATOM   315 H "H1'"  . DG  A 1 10 ? -8.014  9.967   -2.969  1.00 10.00 ? 10 DG  A "H1'"  1 
ATOM   316 H H8     . DG  A 1 10 ? -7.953  8.324   -6.446  1.00 10.00 ? 10 DG  A H8     1 
ATOM   317 H H1     . DG  A 1 10 ? -2.211  10.233  -4.210  1.00 10.00 ? 10 DG  A H1     1 
ATOM   318 H H21    . DG  A 1 10 ? -2.537  11.606  -2.454  1.00 10.00 ? 10 DG  A H21    1 
ATOM   319 H H22    . DG  A 1 10 ? -4.151  11.406  -1.728  1.00 10.00 ? 10 DG  A H22    1 
ATOM   320 P P      . DC  A 1 11 ? -10.846 12.891  -3.188  1.00 10.00 ? 11 DC  A P      1 
ATOM   321 O OP1    . DC  A 1 11 ? -11.890 13.323  -2.300  1.00 10.00 ? 11 DC  A OP1    1 
ATOM   322 O OP2    . DC  A 1 11 ? -10.883 13.442  -4.543  1.00 10.00 ? 11 DC  A OP2    1 
ATOM   323 O "O5'"  . DC  A 1 11 ? -9.388  13.195  -2.595  1.00 10.00 ? 11 DC  A "O5'"  1 
ATOM   324 C "C5'"  . DC  A 1 11 ? -8.938  12.541  -1.404  1.00 10.00 ? 11 DC  A "C5'"  1 
ATOM   325 C "C4'"  . DC  A 1 11 ? -7.635  13.102  -0.880  1.00 10.00 ? 11 DC  A "C4'"  1 
ATOM   326 O "O4'"  . DC  A 1 11 ? -6.591  12.672  -1.727  1.00 10.00 ? 11 DC  A "O4'"  1 
ATOM   327 C "C3'"  . DC  A 1 11 ? -7.766  14.617  -0.955  1.00 10.00 ? 11 DC  A "C3'"  1 
ATOM   328 O "O3'"  . DC  A 1 11 ? -7.362  15.101  0.314   1.00 10.00 ? 11 DC  A "O3'"  1 
ATOM   329 C "C2'"  . DC  A 1 11 ? -6.792  14.999  -2.044  1.00 10.00 ? 11 DC  A "C2'"  1 
ATOM   330 C "C1'"  . DC  A 1 11 ? -5.871  13.810  -2.151  1.00 10.00 ? 11 DC  A "C1'"  1 
ATOM   331 N N1     . DC  A 1 11 ? -5.393  13.580  -3.584  1.00 10.00 ? 11 DC  A N1     1 
ATOM   332 C C2     . DC  A 1 11 ? -4.081  13.760  -4.003  1.00 10.00 ? 11 DC  A C2     1 
ATOM   333 O O2     . DC  A 1 11 ? -3.307  14.478  -3.418  1.00 10.00 ? 11 DC  A O2     1 
ATOM   334 N N3     . DC  A 1 11 ? -3.728  13.428  -5.242  1.00 10.00 ? 11 DC  A N3     1 
ATOM   335 C C4     . DC  A 1 11 ? -4.639  12.913  -6.091  1.00 10.00 ? 11 DC  A C4     1 
ATOM   336 N N4     . DC  A 1 11 ? -4.215  12.465  -7.259  1.00 10.00 ? 11 DC  A N4     1 
ATOM   337 C C5     . DC  A 1 11 ? -6.015  12.856  -5.724  1.00 10.00 ? 11 DC  A C5     1 
ATOM   338 C C6     . DC  A 1 11 ? -6.356  13.230  -4.506  1.00 10.00 ? 11 DC  A C6     1 
ATOM   339 H "H5'"  . DC  A 1 11 ? -8.845  11.456  -1.445  1.00 10.00 ? 11 DC  A "H5'"  1 
ATOM   340 H "H5''" . DC  A 1 11 ? -9.655  12.791  -0.622  1.00 10.00 ? 11 DC  A "H5''" 1 
ATOM   341 H "H4'"  . DC  A 1 11 ? -7.570  12.699  0.130   1.00 10.00 ? 11 DC  A "H4'"  1 
ATOM   342 H "H3'"  . DC  A 1 11 ? -8.775  14.914  -1.241  1.00 10.00 ? 11 DC  A "H3'"  1 
ATOM   343 H "H2'"  . DC  A 1 11 ? -7.322  15.187  -2.978  1.00 10.00 ? 11 DC  A "H2'"  1 
ATOM   344 H "H2''" . DC  A 1 11 ? -6.246  15.894  -1.744  1.00 10.00 ? 11 DC  A "H2''" 1 
ATOM   345 H "H1'"  . DC  A 1 11 ? -4.989  13.930  -1.524  1.00 10.00 ? 11 DC  A "H1'"  1 
ATOM   346 H H41    . DC  A 1 11 ? -3.216  12.484  -7.416  1.00 10.00 ? 11 DC  A H41    1 
ATOM   347 H H42    . DC  A 1 11 ? -4.871  12.246  -7.995  1.00 10.00 ? 11 DC  A H42    1 
ATOM   348 H H5     . DC  A 1 11 ? -6.846  12.476  -6.299  1.00 10.00 ? 11 DC  A H5     1 
ATOM   349 H H6     . DC  A 1 11 ? -7.354  13.213  -4.094  1.00 10.00 ? 11 DC  A H6     1 
ATOM   350 P P      . DG  A 1 12 ? -7.706  16.568  0.846   1.00 10.00 ? 12 DG  A P      1 
ATOM   351 O OP1    . DG  A 1 12 ? -7.436  16.554  2.281   1.00 10.00 ? 12 DG  A OP1    1 
ATOM   352 O OP2    . DG  A 1 12 ? -9.027  16.873  0.432   1.00 10.00 ? 12 DG  A OP2    1 
ATOM   353 O "O5'"  . DG  A 1 12 ? -6.724  17.649  0.176   1.00 10.00 ? 12 DG  A "O5'"  1 
ATOM   354 C "C5'"  . DG  A 1 12 ? -5.296  17.554  0.404   1.00 10.00 ? 12 DG  A "C5'"  1 
ATOM   355 C "C4'"  . DG  A 1 12 ? -4.557  18.605  -0.395  1.00 10.00 ? 12 DG  A "C4'"  1 
ATOM   356 O "O4'"  . DG  A 1 12 ? -3.927  18.024  -1.520  1.00 10.00 ? 12 DG  A "O4'"  1 
ATOM   357 C "C3'"  . DG  A 1 12 ? -5.392  19.813  -0.866  1.00 10.00 ? 12 DG  A "C3'"  1 
ATOM   358 O "O3'"  . DG  A 1 12 ? -4.701  21.020  -0.730  1.00 10.00 ? 12 DG  A "O3'"  1 
ATOM   359 C "C2'"  . DG  A 1 12 ? -5.498  19.463  -2.368  1.00 10.00 ? 12 DG  A "C2'"  1 
ATOM   360 C "C1'"  . DG  A 1 12 ? -4.191  18.731  -2.733  1.00 10.00 ? 12 DG  A "C1'"  1 
ATOM   361 N N9     . DG  A 1 12 ? -4.242  17.672  -3.783  1.00 10.00 ? 12 DG  A N9     1 
ATOM   362 C C8     . DG  A 1 12 ? -5.422  17.179  -4.290  1.00 10.00 ? 12 DG  A C8     1 
ATOM   363 N N7     . DG  A 1 12 ? -5.270  16.521  -5.430  1.00 10.00 ? 12 DG  A N7     1 
ATOM   364 C C5     . DG  A 1 12 ? -3.915  16.676  -5.680  1.00 10.00 ? 12 DG  A C5     1 
ATOM   365 C C6     . DG  A 1 12 ? -3.124  16.241  -6.773  1.00 10.00 ? 12 DG  A C6     1 
ATOM   366 O O6     . DG  A 1 12 ? -3.483  15.569  -7.728  1.00 10.00 ? 12 DG  A O6     1 
ATOM   367 N N1     . DG  A 1 12 ? -1.783  16.605  -6.679  1.00 10.00 ? 12 DG  A N1     1 
ATOM   368 C C2     . DG  A 1 12 ? -1.290  17.378  -5.738  1.00 10.00 ? 12 DG  A C2     1 
ATOM   369 N N2     . DG  A 1 12 ? -0.026  17.609  -5.934  1.00 10.00 ? 12 DG  A N2     1 
ATOM   370 N N3     . DG  A 1 12 ? -1.963  17.806  -4.661  1.00 10.00 ? 12 DG  A N3     1 
ATOM   371 C C4     . DG  A 1 12 ? -3.253  17.398  -4.705  1.00 10.00 ? 12 DG  A C4     1 
ATOM   372 H "H5'"  . DG  A 1 12 ? -4.971  16.593  0.005   1.00 10.00 ? 12 DG  A "H5'"  1 
ATOM   373 H "H5''" . DG  A 1 12 ? -5.087  17.543  1.473   1.00 10.00 ? 12 DG  A "H5''" 1 
ATOM   374 H "H4'"  . DG  A 1 12 ? -3.754  18.980  0.240   1.00 10.00 ? 12 DG  A "H4'"  1 
ATOM   375 H "H3'"  . DG  A 1 12 ? -6.383  19.857  -0.413  1.00 10.00 ? 12 DG  A "H3'"  1 
ATOM   376 H "HO3'" . DG  A 1 12 ? -3.941  21.069  -1.314  1.00 10.00 ? 12 DG  A "HO3'" 1 
ATOM   377 H "H2'"  . DG  A 1 12 ? -6.278  18.703  -2.353  1.00 10.00 ? 12 DG  A "H2'"  1 
ATOM   378 H "H2''" . DG  A 1 12 ? -5.683  20.284  -3.061  1.00 10.00 ? 12 DG  A "H2''" 1 
ATOM   379 H "H1'"  . DG  A 1 12 ? -3.357  19.386  -2.982  1.00 10.00 ? 12 DG  A "H1'"  1 
ATOM   380 H H8     . DG  A 1 12 ? -6.374  17.291  -3.792  1.00 10.00 ? 12 DG  A H8     1 
ATOM   381 H H1     . DG  A 1 12 ? -1.183  16.387  -7.463  1.00 10.00 ? 12 DG  A H1     1 
ATOM   382 H H21    . DG  A 1 12 ? 0.462   17.248  -6.741  1.00 10.00 ? 12 DG  A H21    1 
ATOM   383 H H22    . DG  A 1 12 ? 0.518   18.211  -5.331  1.00 10.00 ? 12 DG  A H22    1 
ATOM   384 O "O5'"  . DC  B 1 1  ? 4.614   14.427  -13.994 1.00 10.00 ? 13 DC  B "O5'"  1 
ATOM   385 C "C5'"  . DC  B 1 1  ? 5.081   15.588  -13.300 1.00 10.00 ? 13 DC  B "C5'"  1 
ATOM   386 C "C4'"  . DC  B 1 1  ? 4.804   15.470  -11.794 1.00 10.00 ? 13 DC  B "C4'"  1 
ATOM   387 O "O4'"  . DC  B 1 1  ? 3.400   15.504  -11.497 1.00 10.00 ? 13 DC  B "O4'"  1 
ATOM   388 C "C3'"  . DC  B 1 1  ? 5.275   14.185  -11.181 1.00 10.00 ? 13 DC  B "C3'"  1 
ATOM   389 O "O3'"  . DC  B 1 1  ? 6.589   14.430  -10.688 1.00 10.00 ? 13 DC  B "O3'"  1 
ATOM   390 C "C2'"  . DC  B 1 1  ? 4.223   13.914  -10.107 1.00 10.00 ? 13 DC  B "C2'"  1 
ATOM   391 C "C1'"  . DC  B 1 1  ? 3.265   15.029  -10.183 1.00 10.00 ? 13 DC  B "C1'"  1 
ATOM   392 N N1     . DC  B 1 1  ? 1.795   14.703  -10.042 1.00 10.00 ? 13 DC  B N1     1 
ATOM   393 C C2     . DC  B 1 1  ? 1.057   15.255  -8.990  1.00 10.00 ? 13 DC  B C2     1 
ATOM   394 O O2     . DC  B 1 1  ? 1.678   16.008  -8.159  1.00 10.00 ? 13 DC  B O2     1 
ATOM   395 N N3     . DC  B 1 1  ? -0.290  15.112  -8.899  1.00 10.00 ? 13 DC  B N3     1 
ATOM   396 C C4     . DC  B 1 1  ? -0.872  14.411  -9.867  1.00 10.00 ? 13 DC  B C4     1 
ATOM   397 N N4     . DC  B 1 1  ? -2.163  14.275  -9.881  1.00 10.00 ? 13 DC  B N4     1 
ATOM   398 C C5     . DC  B 1 1  ? -0.167  13.842  -10.939 1.00 10.00 ? 13 DC  B C5     1 
ATOM   399 C C6     . DC  B 1 1  ? 1.167   13.980  -11.013 1.00 10.00 ? 13 DC  B C6     1 
ATOM   400 H "H5'"  . DC  B 1 1  ? 4.540   16.443  -13.704 1.00 10.00 ? 13 DC  B "H5'"  1 
ATOM   401 H "H5''" . DC  B 1 1  ? 6.165   15.634  -13.402 1.00 10.00 ? 13 DC  B "H5''" 1 
ATOM   402 H "H4'"  . DC  B 1 1  ? 5.320   16.252  -11.238 1.00 10.00 ? 13 DC  B "H4'"  1 
ATOM   403 H "H3'"  . DC  B 1 1  ? 5.300   13.393  -11.930 1.00 10.00 ? 13 DC  B "H3'"  1 
ATOM   404 H "H2'"  . DC  B 1 1  ? 3.816   12.941  -10.382 1.00 10.00 ? 13 DC  B "H2'"  1 
ATOM   405 H "H2''" . DC  B 1 1  ? 4.650   13.935  -9.105  1.00 10.00 ? 13 DC  B "H2''" 1 
ATOM   406 H "H1'"  . DC  B 1 1  ? 3.538   15.794  -9.456  1.00 10.00 ? 13 DC  B "H1'"  1 
ATOM   407 H H41    . DC  B 1 1  ? -2.636  14.641  -9.068  1.00 10.00 ? 13 DC  B H41    1 
ATOM   408 H H42    . DC  B 1 1  ? -2.605  13.804  -10.658 1.00 10.00 ? 13 DC  B H42    1 
ATOM   409 H H5     . DC  B 1 1  ? -0.772  13.257  -11.617 1.00 10.00 ? 13 DC  B H5     1 
ATOM   410 H H6     . DC  B 1 1  ? 1.784   13.615  -11.821 1.00 10.00 ? 13 DC  B H6     1 
ATOM   411 H "HO5'" . DC  B 1 1  ? 4.181   13.794  -13.416 1.00 10.00 ? 13 DC  B "HO5'" 1 
ATOM   412 P P      . DG  B 1 2  ? 7.494   13.381  -9.874  1.00 10.00 ? 14 DG  B P      1 
ATOM   413 O OP1    . DG  B 1 2  ? 8.834   13.853  -10.073 1.00 10.00 ? 14 DG  B OP1    1 
ATOM   414 O OP2    . DG  B 1 2  ? 7.120   12.080  -10.448 1.00 10.00 ? 14 DG  B OP2    1 
ATOM   415 O "O5'"  . DG  B 1 2  ? 7.096   13.468  -8.345  1.00 10.00 ? 14 DG  B "O5'"  1 
ATOM   416 C "C5'"  . DG  B 1 2  ? 7.071   14.724  -7.767  1.00 10.00 ? 14 DG  B "C5'"  1 
ATOM   417 C "C4'"  . DG  B 1 2  ? 6.220   14.590  -6.499  1.00 10.00 ? 14 DG  B "C4'"  1 
ATOM   418 O "O4'"  . DG  B 1 2  ? 4.788   14.490  -6.739  1.00 10.00 ? 14 DG  B "O4'"  1 
ATOM   419 C "C3'"  . DG  B 1 2  ? 6.540   13.403  -5.570  1.00 10.00 ? 14 DG  B "C3'"  1 
ATOM   420 O "O3'"  . DG  B 1 2  ? 6.692   13.878  -4.248  1.00 10.00 ? 14 DG  B "O3'"  1 
ATOM   421 C "C2'"  . DG  B 1 2  ? 5.331   12.544  -5.667  1.00 10.00 ? 14 DG  B "C2'"  1 
ATOM   422 C "C1'"  . DG  B 1 2  ? 4.201   13.561  -5.862  1.00 10.00 ? 14 DG  B "C1'"  1 
ATOM   423 N N9     . DG  B 1 2  ? 3.007   13.028  -6.504  1.00 10.00 ? 14 DG  B N9     1 
ATOM   424 C C8     . DG  B 1 2  ? 2.958   12.144  -7.590  1.00 10.00 ? 14 DG  B C8     1 
ATOM   425 N N7     . DG  B 1 2  ? 1.775   11.804  -8.007  1.00 10.00 ? 14 DG  B N7     1 
ATOM   426 C C5     . DG  B 1 2  ? 0.955   12.549  -7.118  1.00 10.00 ? 14 DG  B C5     1 
ATOM   427 C C6     . DG  B 1 2  ? -0.447  12.601  -6.878  1.00 10.00 ? 14 DG  B C6     1 
ATOM   428 O O6     . DG  B 1 2  ? -1.345  12.104  -7.520  1.00 10.00 ? 14 DG  B O6     1 
ATOM   429 N N1     . DG  B 1 2  ? -0.863  13.293  -5.816  1.00 10.00 ? 14 DG  B N1     1 
ATOM   430 C C2     . DG  B 1 2  ? -0.053  13.932  -4.952  1.00 10.00 ? 14 DG  B C2     1 
ATOM   431 N N2     . DG  B 1 2  ? -0.568  14.688  -4.019  1.00 10.00 ? 14 DG  B N2     1 
ATOM   432 N N3     . DG  B 1 2  ? 1.286   13.975  -5.097  1.00 10.00 ? 14 DG  B N3     1 
ATOM   433 C C4     . DG  B 1 2  ? 1.723   13.222  -6.186  1.00 10.00 ? 14 DG  B C4     1 
ATOM   434 H "H5'"  . DG  B 1 2  ? 6.623   15.400  -8.496  1.00 10.00 ? 14 DG  B "H5'"  1 
ATOM   435 H "H5''" . DG  B 1 2  ? 8.116   14.954  -7.563  1.00 10.00 ? 14 DG  B "H5''" 1 
ATOM   436 H "H4'"  . DG  B 1 2  ? 6.452   15.467  -5.894  1.00 10.00 ? 14 DG  B "H4'"  1 
ATOM   437 H "H3'"  . DG  B 1 2  ? 7.433   12.829  -5.819  1.00 10.00 ? 14 DG  B "H3'"  1 
ATOM   438 H "H2'"  . DG  B 1 2  ? 5.496   11.931  -6.553  1.00 10.00 ? 14 DG  B "H2'"  1 
ATOM   439 H "H2''" . DG  B 1 2  ? 5.170   11.873  -4.824  1.00 10.00 ? 14 DG  B "H2''" 1 
ATOM   440 H "H1'"  . DG  B 1 2  ? 3.932   13.965  -4.886  1.00 10.00 ? 14 DG  B "H1'"  1 
ATOM   441 H H8     . DG  B 1 2  ? 3.855   11.771  -8.062  1.00 10.00 ? 14 DG  B H8     1 
ATOM   442 H H1     . DG  B 1 2  ? -1.855  13.431  -5.691  1.00 10.00 ? 14 DG  B H1     1 
ATOM   443 H H21    . DG  B 1 2  ? -1.541  14.653  -3.751  1.00 10.00 ? 14 DG  B H21    1 
ATOM   444 H H22    . DG  B 1 2  ? 0.104   15.064  -3.364  1.00 10.00 ? 14 DG  B H22    1 
ATOM   445 P P      . DC  B 1 3  ? 7.023   12.992  -3.006  1.00 10.00 ? 15 DC  B P      1 
ATOM   446 O OP1    . DC  B 1 3  ? 7.848   13.904  -2.182  1.00 10.00 ? 15 DC  B OP1    1 
ATOM   447 O OP2    . DC  B 1 3  ? 7.416   11.605  -3.347  1.00 10.00 ? 15 DC  B OP2    1 
ATOM   448 O "O5'"  . DC  B 1 3  ? 5.649   12.994  -2.260  1.00 10.00 ? 15 DC  B "O5'"  1 
ATOM   449 C "C5'"  . DC  B 1 3  ? 5.055   14.124  -1.706  1.00 10.00 ? 15 DC  B "C5'"  1 
ATOM   450 C "C4'"  . DC  B 1 3  ? 3.774   13.891  -0.936  1.00 10.00 ? 15 DC  B "C4'"  1 
ATOM   451 O "O4'"  . DC  B 1 3  ? 2.656   13.483  -1.745  1.00 10.00 ? 15 DC  B "O4'"  1 
ATOM   452 C "C3'"  . DC  B 1 3  ? 4.019   12.898  0.162   1.00 10.00 ? 15 DC  B "C3'"  1 
ATOM   453 O "O3'"  . DC  B 1 3  ? 3.394   13.312  1.375   1.00 10.00 ? 15 DC  B "O3'"  1 
ATOM   454 C "C2'"  . DC  B 1 3  ? 3.344   11.669  -0.509  1.00 10.00 ? 15 DC  B "C2'"  1 
ATOM   455 C "C1'"  . DC  B 1 3  ? 2.111   12.336  -1.163  1.00 10.00 ? 15 DC  B "C1'"  1 
ATOM   456 N N1     . DC  B 1 3  ? 1.490   11.604  -2.303  1.00 10.00 ? 15 DC  B N1     1 
ATOM   457 C C2     . DC  B 1 3  ? 0.108   11.442  -2.500  1.00 10.00 ? 15 DC  B C2     1 
ATOM   458 O O2     . DC  B 1 3  ? -0.664  12.098  -1.849  1.00 10.00 ? 15 DC  B O2     1 
ATOM   459 N N3     . DC  B 1 3  ? -0.512  10.717  -3.494  1.00 10.00 ? 15 DC  B N3     1 
ATOM   460 C C4     . DC  B 1 3  ? 0.345   10.157  -4.357  1.00 10.00 ? 15 DC  B C4     1 
ATOM   461 N N4     . DC  B 1 3  ? -0.050  9.569   -5.429  1.00 10.00 ? 15 DC  B N4     1 
ATOM   462 C C5     . DC  B 1 3  ? 1.778   10.431  -4.322  1.00 10.00 ? 15 DC  B C5     1 
ATOM   463 C C6     . DC  B 1 3  ? 2.300   11.161  -3.301  1.00 10.00 ? 15 DC  B C6     1 
ATOM   464 H "H5'"  . DC  B 1 3  ? 4.780   14.736  -2.565  1.00 10.00 ? 15 DC  B "H5'"  1 
ATOM   465 H "H5''" . DC  B 1 3  ? 5.713   14.694  -1.050  1.00 10.00 ? 15 DC  B "H5''" 1 
ATOM   466 H "H4'"  . DC  B 1 3  ? 3.492   14.843  -0.483  1.00 10.00 ? 15 DC  B "H4'"  1 
ATOM   467 H "H3'"  . DC  B 1 3  ? 5.065   12.673  0.365   1.00 10.00 ? 15 DC  B "H3'"  1 
ATOM   468 H "H2'"  . DC  B 1 3  ? 4.059   11.243  -1.214  1.00 10.00 ? 15 DC  B "H2'"  1 
ATOM   469 H "H2''" . DC  B 1 3  ? 3.037   10.930  0.231   1.00 10.00 ? 15 DC  B "H2''" 1 
ATOM   470 H "H1'"  . DC  B 1 3  ? 1.322   12.540  -0.438  1.00 10.00 ? 15 DC  B "H1'"  1 
ATOM   471 H H41    . DC  B 1 3  ? -1.030  9.347   -5.532  1.00 10.00 ? 15 DC  B H41    1 
ATOM   472 H H42    . DC  B 1 3  ? 0.597   9.238   -6.132  1.00 10.00 ? 15 DC  B H42    1 
ATOM   473 H H5     . DC  B 1 3  ? 2.461   10.104  -5.091  1.00 10.00 ? 15 DC  B H5     1 
ATOM   474 H H6     . DC  B 1 3  ? 3.351   11.388  -3.201  1.00 10.00 ? 15 DC  B H6     1 
ATOM   475 P P      . DG  B 1 4  ? 3.479   12.472  2.670   1.00 10.00 ? 16 DG  B P      1 
ATOM   476 O OP1    . DG  B 1 4  ? 3.601   13.524  3.766   1.00 10.00 ? 16 DG  B OP1    1 
ATOM   477 O OP2    . DG  B 1 4  ? 4.532   11.473  2.583   1.00 10.00 ? 16 DG  B OP2    1 
ATOM   478 O "O5'"  . DG  B 1 4  ? 2.023   11.735  2.710   1.00 10.00 ? 16 DG  B "O5'"  1 
ATOM   479 C "C5'"  . DG  B 1 4  ? 0.777   12.398  2.674   1.00 10.00 ? 16 DG  B "C5'"  1 
ATOM   480 C "C4'"  . DG  B 1 4  ? -0.356  11.357  2.684   1.00 10.00 ? 16 DG  B "C4'"  1 
ATOM   481 O "O4'"  . DG  B 1 4  ? -0.503  10.863  1.391   1.00 10.00 ? 16 DG  B "O4'"  1 
ATOM   482 C "C3'"  . DG  B 1 4  ? -0.222  10.198  3.691   1.00 10.00 ? 16 DG  B "C3'"  1 
ATOM   483 O "O3'"  . DG  B 1 4  ? -1.463  10.238  4.324   1.00 10.00 ? 16 DG  B "O3'"  1 
ATOM   484 C "C2'"  . DG  B 1 4  ? 0.002   9.071   2.703   1.00 10.00 ? 16 DG  B "C2'"  1 
ATOM   485 C "C1'"  . DG  B 1 4  ? -0.781  9.529   1.510   1.00 10.00 ? 16 DG  B "C1'"  1 
ATOM   486 N N9     . DG  B 1 4  ? -0.624  8.866   0.197   1.00 10.00 ? 16 DG  B N9     1 
ATOM   487 C C8     . DG  B 1 4  ? 0.520   8.555   -0.452  1.00 10.00 ? 16 DG  B C8     1 
ATOM   488 N N7     . DG  B 1 4  ? 0.284   8.120   -1.651  1.00 10.00 ? 16 DG  B N7     1 
ATOM   489 C C5     . DG  B 1 4  ? -1.131  8.025   -1.748  1.00 10.00 ? 16 DG  B C5     1 
ATOM   490 C C6     . DG  B 1 4  ? -2.064  7.514   -2.752  1.00 10.00 ? 16 DG  B C6     1 
ATOM   491 O O6     . DG  B 1 4  ? -1.747  7.163   -3.889  1.00 10.00 ? 16 DG  B O6     1 
ATOM   492 N N1     . DG  B 1 4  ? -3.384  7.454   -2.371  1.00 10.00 ? 16 DG  B N1     1 
ATOM   493 C C2     . DG  B 1 4  ? -3.811  7.939   -1.186  1.00 10.00 ? 16 DG  B C2     1 
ATOM   494 N N2     . DG  B 1 4  ? -5.070  7.770   -0.799  1.00 10.00 ? 16 DG  B N2     1 
ATOM   495 N N3     . DG  B 1 4  ? -3.013  8.529   -0.269  1.00 10.00 ? 16 DG  B N3     1 
ATOM   496 C C4     . DG  B 1 4  ? -1.686  8.486   -0.579  1.00 10.00 ? 16 DG  B C4     1 
ATOM   497 H "H5'"  . DG  B 1 4  ? 0.683   13.106  1.850   1.00 10.00 ? 16 DG  B "H5'"  1 
ATOM   498 H "H5''" . DG  B 1 4  ? 0.661   12.983  3.587   1.00 10.00 ? 16 DG  B "H5''" 1 
ATOM   499 H "H4'"  . DG  B 1 4  ? -1.292  11.884  2.868   1.00 10.00 ? 16 DG  B "H4'"  1 
ATOM   500 H "H3'"  . DG  B 1 4  ? 0.621   10.349  4.368   1.00 10.00 ? 16 DG  B "H3'"  1 
ATOM   501 H "H2'"  . DG  B 1 4  ? 1.075   8.993   2.526   1.00 10.00 ? 16 DG  B "H2'"  1 
ATOM   502 H "H2''" . DG  B 1 4  ? -0.367  8.122   3.094   1.00 10.00 ? 16 DG  B "H2''" 1 
ATOM   503 H "H1'"  . DG  B 1 4  ? -1.841  9.425   1.743   1.00 10.00 ? 16 DG  B "H1'"  1 
ATOM   504 H H8     . DG  B 1 4  ? 1.476   8.618   0.047   1.00 10.00 ? 16 DG  B H8     1 
ATOM   505 H H1     . DG  B 1 4  ? -4.066  7.091   -3.020  1.00 10.00 ? 16 DG  B H1     1 
ATOM   506 H H21    . DG  B 1 4  ? -5.806  7.499   -1.435  1.00 10.00 ? 16 DG  B H21    1 
ATOM   507 H H22    . DG  B 1 4  ? -5.258  7.792   0.193   1.00 10.00 ? 16 DG  B H22    1 
ATOM   508 P P      . DA  B 1 5  ? -2.042  9.051   5.252   1.00 10.00 ? 17 DA  B P      1 
ATOM   509 O OP1    . DA  B 1 5  ? -2.679  9.624   6.430   1.00 10.00 ? 17 DA  B OP1    1 
ATOM   510 O OP2    . DA  B 1 5  ? -0.920  8.116   5.571   1.00 10.00 ? 17 DA  B OP2    1 
ATOM   511 O "O5'"  . DA  B 1 5  ? -3.113  8.269   4.315   1.00 10.00 ? 17 DA  B "O5'"  1 
ATOM   512 C "C5'"  . DA  B 1 5  ? -4.275  8.858   3.840   1.00 10.00 ? 17 DA  B "C5'"  1 
ATOM   513 C "C4'"  . DA  B 1 5  ? -5.342  7.808   3.371   1.00 10.00 ? 17 DA  B "C4'"  1 
ATOM   514 O "O4'"  . DA  B 1 5  ? -4.968  7.215   2.074   1.00 10.00 ? 17 DA  B "O4'"  1 
ATOM   515 C "C3'"  . DA  B 1 5  ? -5.467  6.646   4.391   1.00 10.00 ? 17 DA  B "C3'"  1 
ATOM   516 O "O3'"  . DA  B 1 5  ? -6.864  6.154   4.614   1.00 10.00 ? 17 DA  B "O3'"  1 
ATOM   517 C "C2'"  . DA  B 1 5  ? -4.527  5.607   3.768   1.00 10.00 ? 17 DA  B "C2'"  1 
ATOM   518 C "C1'"  . DA  B 1 5  ? -4.650  5.870   2.260   1.00 10.00 ? 17 DA  B "C1'"  1 
ATOM   519 N N9     . DA  B 1 5  ? -3.440  5.540   1.534   1.00 10.00 ? 17 DA  B N9     1 
ATOM   520 C C8     . DA  B 1 5  ? -2.153  5.898   1.749   1.00 10.00 ? 17 DA  B C8     1 
ATOM   521 N N7     . DA  B 1 5  ? -1.303  5.332   0.912   1.00 10.00 ? 17 DA  B N7     1 
ATOM   522 C C5     . DA  B 1 5  ? -2.165  4.906   -0.154  1.00 10.00 ? 17 DA  B C5     1 
ATOM   523 C C6     . DA  B 1 5  ? -2.074  4.197   -1.392  1.00 10.00 ? 17 DA  B C6     1 
ATOM   524 N N6     . DA  B 1 5  ? -0.987  3.881   -1.989  1.00 10.00 ? 17 DA  B N6     1 
ATOM   525 N N1     . DA  B 1 5  ? -3.135  3.677   -1.974  1.00 10.00 ? 17 DA  B N1     1 
ATOM   526 C C2     . DA  B 1 5  ? -4.319  3.906   -1.446  1.00 10.00 ? 17 DA  B C2     1 
ATOM   527 N N3     . DA  B 1 5  ? -4.626  4.588   -0.371  1.00 10.00 ? 17 DA  B N3     1 
ATOM   528 C C4     . DA  B 1 5  ? -3.469  4.918   0.298   1.00 10.00 ? 17 DA  B C4     1 
ATOM   529 H "H5'"  . DA  B 1 5  ? -4.071  9.512   2.992   1.00 10.00 ? 17 DA  B "H5'"  1 
ATOM   530 H "H5''" . DA  B 1 5  ? -4.733  9.370   4.686   1.00 10.00 ? 17 DA  B "H5''" 1 
ATOM   531 H "H4'"  . DA  B 1 5  ? -6.272  8.368   3.282   1.00 10.00 ? 17 DA  B "H4'"  1 
ATOM   532 H "H3'"  . DA  B 1 5  ? -5.077  6.938   5.366   1.00 10.00 ? 17 DA  B "H3'"  1 
ATOM   533 H "H2'"  . DA  B 1 5  ? -3.514  5.858   4.087   1.00 10.00 ? 17 DA  B "H2'"  1 
ATOM   534 H "H2''" . DA  B 1 5  ? -4.726  4.572   4.047   1.00 10.00 ? 17 DA  B "H2''" 1 
ATOM   535 H "H1'"  . DA  B 1 5  ? -5.489  5.276   1.896   1.00 10.00 ? 17 DA  B "H1'"  1 
ATOM   536 H H8     . DA  B 1 5  ? -1.876  6.533   2.578   1.00 10.00 ? 17 DA  B H8     1 
ATOM   537 H H61    . DA  B 1 5  ? -1.125  3.398   -2.866  1.00 10.00 ? 17 DA  B H61    1 
ATOM   538 H H62    . DA  B 1 5  ? -0.070  4.162   -1.670  1.00 10.00 ? 17 DA  B H62    1 
ATOM   539 H H2     . DA  B 1 5  ? -5.151  3.518   -2.015  1.00 10.00 ? 17 DA  B H2     1 
ATOM   540 P P      . DA  B 1 6  ? -7.221  4.953   5.560   1.00 10.00 ? 18 DA  B P      1 
ATOM   541 O OP1    . DA  B 1 6  ? -8.529  5.213   6.188   1.00 10.00 ? 18 DA  B OP1    1 
ATOM   542 O OP2    . DA  B 1 6  ? -6.101  4.689   6.403   1.00 10.00 ? 18 DA  B OP2    1 
ATOM   543 O "O5'"  . DA  B 1 6  ? -7.336  3.741   4.574   1.00 10.00 ? 18 DA  B "O5'"  1 
ATOM   544 C "C5'"  . DA  B 1 6  ? -8.375  3.742   3.547   1.00 10.00 ? 18 DA  B "C5'"  1 
ATOM   545 C "C4'"  . DA  B 1 6  ? -8.422  2.479   2.681   1.00 10.00 ? 18 DA  B "C4'"  1 
ATOM   546 O "O4'"  . DA  B 1 6  ? -7.260  2.514   1.905   1.00 10.00 ? 18 DA  B "O4'"  1 
ATOM   547 C "C3'"  . DA  B 1 6  ? -8.447  1.203   3.536   1.00 10.00 ? 18 DA  B "C3'"  1 
ATOM   548 O "O3'"  . DA  B 1 6  ? -9.653  0.524   3.076   1.00 10.00 ? 18 DA  B "O3'"  1 
ATOM   549 C "C2'"  . DA  B 1 6  ? -7.111  0.477   3.214   1.00 10.00 ? 18 DA  B "C2'"  1 
ATOM   550 C "C1'"  . DA  B 1 6  ? -6.706  1.187   1.869   1.00 10.00 ? 18 DA  B "C1'"  1 
ATOM   551 N N9     . DA  B 1 6  ? -5.245  1.300   1.870   1.00 10.00 ? 18 DA  B N9     1 
ATOM   552 C C8     . DA  B 1 6  ? -4.461  1.865   2.796   1.00 10.00 ? 18 DA  B C8     1 
ATOM   553 N N7     . DA  B 1 6  ? -3.155  1.918   2.498   1.00 10.00 ? 18 DA  B N7     1 
ATOM   554 C C5     . DA  B 1 6  ? -3.110  1.327   1.249   1.00 10.00 ? 18 DA  B C5     1 
ATOM   555 C C6     . DA  B 1 6  ? -2.147  1.138   0.244   1.00 10.00 ? 18 DA  B C6     1 
ATOM   556 N N6     . DA  B 1 6  ? -0.917  1.626   0.298   1.00 10.00 ? 18 DA  B N6     1 
ATOM   557 N N1     . DA  B 1 6  ? -2.420  0.608   -0.902  1.00 10.00 ? 18 DA  B N1     1 
ATOM   558 C C2     . DA  B 1 6  ? -3.685  0.325   -1.108  1.00 10.00 ? 18 DA  B C2     1 
ATOM   559 N N3     . DA  B 1 6  ? -4.714  0.425   -0.300  1.00 10.00 ? 18 DA  B N3     1 
ATOM   560 C C4     . DA  B 1 6  ? -4.375  1.007   0.852   1.00 10.00 ? 18 DA  B C4     1 
ATOM   561 H "H5'"  . DA  B 1 6  ? -8.242  4.596   2.883   1.00 10.00 ? 18 DA  B "H5'"  1 
ATOM   562 H "H5''" . DA  B 1 6  ? -9.320  3.843   4.082   1.00 10.00 ? 18 DA  B "H5''" 1 
ATOM   563 H "H4'"  . DA  B 1 6  ? -9.291  2.471   2.022   1.00 10.00 ? 18 DA  B "H4'"  1 
ATOM   564 H "H3'"  . DA  B 1 6  ? -8.596  1.446   4.588   1.00 10.00 ? 18 DA  B "H3'"  1 
ATOM   565 H "H2'"  . DA  B 1 6  ? -6.383  0.580   4.019   1.00 10.00 ? 18 DA  B "H2'"  1 
ATOM   566 H "H2''" . DA  B 1 6  ? -7.200  -0.587  2.992   1.00 10.00 ? 18 DA  B "H2''" 1 
ATOM   567 H "H1'"  . DA  B 1 6  ? -7.016  0.543   1.046   1.00 10.00 ? 18 DA  B "H1'"  1 
ATOM   568 H H8     . DA  B 1 6  ? -4.786  2.322   3.719   1.00 10.00 ? 18 DA  B H8     1 
ATOM   569 H H61    . DA  B 1 6  ? -0.487  1.435   -0.595  1.00 10.00 ? 18 DA  B H61    1 
ATOM   570 H H62    . DA  B 1 6  ? -0.554  2.230   1.021   1.00 10.00 ? 18 DA  B H62    1 
ATOM   571 H H2     . DA  B 1 6  ? -3.899  -0.168  -2.045  1.00 10.00 ? 18 DA  B H2     1 
ATOM   572 P P      . DT  B 1 7  ? -9.958  -0.954  3.635   1.00 10.00 ? 19 DT  B P      1 
ATOM   573 O OP1    . DT  B 1 7  ? -11.406 -1.188  3.398   1.00 10.00 ? 19 DT  B OP1    1 
ATOM   574 O OP2    . DT  B 1 7  ? -9.372  -1.132  4.969   1.00 10.00 ? 19 DT  B OP2    1 
ATOM   575 O "O5'"  . DT  B 1 7  ? -9.231  -2.008  2.690   1.00 10.00 ? 19 DT  B "O5'"  1 
ATOM   576 C "C5'"  . DT  B 1 7  ? -9.509  -2.055  1.335   1.00 10.00 ? 19 DT  B "C5'"  1 
ATOM   577 C "C4'"  . DT  B 1 7  ? -8.499  -2.907  0.576   1.00 10.00 ? 19 DT  B "C4'"  1 
ATOM   578 O "O4'"  . DT  B 1 7  ? -7.301  -2.240  0.480   1.00 10.00 ? 19 DT  B "O4'"  1 
ATOM   579 C "C3'"  . DT  B 1 7  ? -8.205  -4.299  0.992   1.00 10.00 ? 19 DT  B "C3'"  1 
ATOM   580 O "O3'"  . DT  B 1 7  ? -9.087  -5.142  0.228   1.00 10.00 ? 19 DT  B "O3'"  1 
ATOM   581 C "C2'"  . DT  B 1 7  ? -6.732  -4.536  0.756   1.00 10.00 ? 19 DT  B "C2'"  1 
ATOM   582 C "C1'"  . DT  B 1 7  ? -6.252  -3.182  0.263   1.00 10.00 ? 19 DT  B "C1'"  1 
ATOM   583 N N1     . DT  B 1 7  ? -4.940  -2.683  0.802   1.00 10.00 ? 19 DT  B N1     1 
ATOM   584 C C2     . DT  B 1 7  ? -3.810  -2.949  0.035   1.00 10.00 ? 19 DT  B C2     1 
ATOM   585 O O2     . DT  B 1 7  ? -3.845  -3.427  -1.081  1.00 10.00 ? 19 DT  B O2     1 
ATOM   586 N N3     . DT  B 1 7  ? -2.637  -2.417  0.528   1.00 10.00 ? 19 DT  B N3     1 
ATOM   587 C C4     . DT  B 1 7  ? -2.524  -1.849  1.814   1.00 10.00 ? 19 DT  B C4     1 
ATOM   588 O O4     . DT  B 1 7  ? -1.423  -1.378  2.143   1.00 10.00 ? 19 DT  B O4     1 
ATOM   589 C C5     . DT  B 1 7  ? -3.709  -1.895  2.700   1.00 10.00 ? 19 DT  B C5     1 
ATOM   590 C C7     . DT  B 1 7  ? -3.629  -1.580  4.206   1.00 10.00 ? 19 DT  B C7     1 
ATOM   591 C C6     . DT  B 1 7  ? -4.893  -2.223  2.118   1.00 10.00 ? 19 DT  B C6     1 
ATOM   592 H "H5'"  . DT  B 1 7  ? -9.379  -1.054  0.923   1.00 10.00 ? 19 DT  B "H5'"  1 
ATOM   593 H "H5''" . DT  B 1 7  ? -10.521 -2.426  1.171   1.00 10.00 ? 19 DT  B "H5''" 1 
ATOM   594 H "H4'"  . DT  B 1 7  ? -8.864  -3.023  -0.445  1.00 10.00 ? 19 DT  B "H4'"  1 
ATOM   595 H "H3'"  . DT  B 1 7  ? -8.398  -4.512  2.043   1.00 10.00 ? 19 DT  B "H3'"  1 
ATOM   596 H "H2'"  . DT  B 1 7  ? -6.276  -4.874  1.686   1.00 10.00 ? 19 DT  B "H2'"  1 
ATOM   597 H "H2''" . DT  B 1 7  ? -6.586  -5.323  0.015   1.00 10.00 ? 19 DT  B "H2''" 1 
ATOM   598 H "H1'"  . DT  B 1 7  ? -6.161  -3.337  -0.812  1.00 10.00 ? 19 DT  B "H1'"  1 
ATOM   599 H H3     . DT  B 1 7  ? -1.875  -2.409  -0.134  1.00 10.00 ? 19 DT  B H3     1 
ATOM   600 H H71    . DT  B 1 7  ? -3.422  -2.530  4.700   1.00 10.00 ? 19 DT  B H71    1 
ATOM   601 H H72    . DT  B 1 7  ? -2.942  -0.742  4.312   1.00 10.00 ? 19 DT  B H72    1 
ATOM   602 H H73    . DT  B 1 7  ? -4.603  -1.242  4.562   1.00 10.00 ? 19 DT  B H73    1 
ATOM   603 H H6     . DT  B 1 7  ? -5.793  -2.192  2.716   1.00 10.00 ? 19 DT  B H6     1 
ATOM   604 P P      . DT  B 1 8  ? -9.101  -6.800  0.361   1.00 10.00 ? 20 DT  B P      1 
ATOM   605 O OP1    . DT  B 1 8  ? -10.226 -7.392  -0.375  1.00 10.00 ? 20 DT  B OP1    1 
ATOM   606 O OP2    . DT  B 1 8  ? -8.941  -7.086  1.792   1.00 10.00 ? 20 DT  B OP2    1 
ATOM   607 O "O5'"  . DT  B 1 8  ? -7.781  -7.365  -0.351  1.00 10.00 ? 20 DT  B "O5'"  1 
ATOM   608 C "C5'"  . DT  B 1 8  ? -7.525  -7.033  -1.706  1.00 10.00 ? 20 DT  B "C5'"  1 
ATOM   609 C "C4'"  . DT  B 1 8  ? -6.142  -7.315  -2.199  1.00 10.00 ? 20 DT  B "C4'"  1 
ATOM   610 O "O4'"  . DT  B 1 8  ? -5.182  -6.410  -1.687  1.00 10.00 ? 20 DT  B "O4'"  1 
ATOM   611 C "C3'"  . DT  B 1 8  ? -5.695  -8.746  -2.035  1.00 10.00 ? 20 DT  B "C3'"  1 
ATOM   612 O "O3'"  . DT  B 1 8  ? -4.998  -9.189  -3.171  1.00 10.00 ? 20 DT  B "O3'"  1 
ATOM   613 C "C2'"  . DT  B 1 8  ? -4.824  -8.599  -0.798  1.00 10.00 ? 20 DT  B "C2'"  1 
ATOM   614 C "C1'"  . DT  B 1 8  ? -4.234  -7.239  -1.056  1.00 10.00 ? 20 DT  B "C1'"  1 
ATOM   615 N N1     . DT  B 1 8  ? -3.631  -6.578  0.150   1.00 10.00 ? 20 DT  B N1     1 
ATOM   616 C C2     . DT  B 1 8  ? -2.235  -6.238  0.113   1.00 10.00 ? 20 DT  B C2     1 
ATOM   617 O O2     . DT  B 1 8  ? -1.544  -6.467  -0.877  1.00 10.00 ? 20 DT  B O2     1 
ATOM   618 N N3     . DT  B 1 8  ? -1.705  -5.552  1.192   1.00 10.00 ? 20 DT  B N3     1 
ATOM   619 C C4     . DT  B 1 8  ? -2.423  -5.243  2.302   1.00 10.00 ? 20 DT  B C4     1 
ATOM   620 O O4     . DT  B 1 8  ? -2.010  -4.479  3.157   1.00 10.00 ? 20 DT  B O4     1 
ATOM   621 C C5     . DT  B 1 8  ? -3.701  -5.850  2.308   1.00 10.00 ? 20 DT  B C5     1 
ATOM   622 C C7     . DT  B 1 8  ? -4.457  -5.753  3.579   1.00 10.00 ? 20 DT  B C7     1 
ATOM   623 C C6     . DT  B 1 8  ? -4.337  -6.511  1.294   1.00 10.00 ? 20 DT  B C6     1 
ATOM   624 H "H5'"  . DT  B 1 8  ? -7.697  -5.963  -1.818  1.00 10.00 ? 20 DT  B "H5'"  1 
ATOM   625 H "H5''" . DT  B 1 8  ? -8.302  -7.623  -2.192  1.00 10.00 ? 20 DT  B "H5''" 1 
ATOM   626 H "H4'"  . DT  B 1 8  ? -6.248  -7.211  -3.279  1.00 10.00 ? 20 DT  B "H4'"  1 
ATOM   627 H "H3'"  . DT  B 1 8  ? -6.551  -9.408  -1.896  1.00 10.00 ? 20 DT  B "H3'"  1 
ATOM   628 H "H2'"  . DT  B 1 8  ? -5.453  -8.675  0.090   1.00 10.00 ? 20 DT  B "H2'"  1 
ATOM   629 H "H2''" . DT  B 1 8  ? -4.038  -9.353  -0.829  1.00 10.00 ? 20 DT  B "H2''" 1 
ATOM   630 H "H1'"  . DT  B 1 8  ? -3.434  -7.380  -1.782  1.00 10.00 ? 20 DT  B "H1'"  1 
ATOM   631 H H3     . DT  B 1 8  ? -0.772  -5.168  1.144   1.00 10.00 ? 20 DT  B H3     1 
ATOM   632 H H71    . DT  B 1 8  ? -4.819  -4.735  3.723   1.00 10.00 ? 20 DT  B H71    1 
ATOM   633 H H72    . DT  B 1 8  ? -5.321  -6.414  3.635   1.00 10.00 ? 20 DT  B H72    1 
ATOM   634 H H73    . DT  B 1 8  ? -3.838  -6.032  4.431   1.00 10.00 ? 20 DT  B H73    1 
ATOM   635 H H6     . DT  B 1 8  ? -5.342  -6.906  1.316   1.00 10.00 ? 20 DT  B H6     1 
HETATM 636 P P      . 8OG B 1 9  ? -4.494  -10.714 -3.502  1.00 10.00 ? 21 8OG B P      1 
HETATM 637 O OP1    . 8OG B 1 9  ? -5.357  -11.251 -4.538  1.00 10.00 ? 21 8OG B OP1    1 
HETATM 638 O OP2    . 8OG B 1 9  ? -4.280  -11.568 -2.346  1.00 10.00 ? 21 8OG B OP2    1 
HETATM 639 O "O5'"  . 8OG B 1 9  ? -3.105  -10.383 -4.262  1.00 10.00 ? 21 8OG B "O5'"  1 
HETATM 640 C "C5'"  . 8OG B 1 9  ? -2.119  -9.482  -3.792  1.00 10.00 ? 21 8OG B "C5'"  1 
HETATM 641 C "C4'"  . 8OG B 1 9  ? -1.107  -9.961  -2.760  1.00 10.00 ? 21 8OG B "C4'"  1 
HETATM 642 O "O4'"  . 8OG B 1 9  ? -1.247  -9.231  -1.529  1.00 10.00 ? 21 8OG B "O4'"  1 
HETATM 643 C "C3'"  . 8OG B 1 9  ? -0.929  -11.402 -2.397  1.00 10.00 ? 21 8OG B "C3'"  1 
HETATM 644 O "O3'"  . 8OG B 1 9  ? 0.463   -11.742 -2.609  1.00 10.00 ? 21 8OG B "O3'"  1 
HETATM 645 C "C2'"  . 8OG B 1 9  ? -1.270  -11.436 -0.887  1.00 10.00 ? 21 8OG B "C2'"  1 
HETATM 646 C "C1'"  . 8OG B 1 9  ? -0.650  -10.052 -0.575  1.00 10.00 ? 21 8OG B "C1'"  1 
HETATM 647 N N9     . 8OG B 1 9  ? -0.722  -9.460  0.825   1.00 10.00 ? 21 8OG B N9     1 
HETATM 648 C C8     . 8OG B 1 9  ? 0.205   -8.587  1.390   1.00 10.00 ? 21 8OG B C8     1 
HETATM 649 N N7     . 8OG B 1 9  ? -0.181  -8.365  2.716   1.00 10.00 ? 21 8OG B N7     1 
HETATM 650 C C5     . 8OG B 1 9  ? -1.448  -8.909  2.844   1.00 10.00 ? 21 8OG B C5     1 
HETATM 651 C C6     . 8OG B 1 9  ? -2.386  -8.810  3.867   1.00 10.00 ? 21 8OG B C6     1 
HETATM 652 O O6     . 8OG B 1 9  ? -2.380  -8.195  4.915   1.00 10.00 ? 21 8OG B O6     1 
HETATM 653 N N1     . 8OG B 1 9  ? -3.502  -9.549  3.680   1.00 10.00 ? 21 8OG B N1     1 
HETATM 654 C C2     . 8OG B 1 9  ? -3.845  -10.150 2.496   1.00 10.00 ? 21 8OG B C2     1 
HETATM 655 N N2     . 8OG B 1 9  ? -5.128  -10.382 2.300   1.00 10.00 ? 21 8OG B N2     1 
HETATM 656 N N3     . 8OG B 1 9  ? -2.959  -10.188 1.456   1.00 10.00 ? 21 8OG B N3     1 
HETATM 657 C C4     . 8OG B 1 9  ? -1.754  -9.546  1.659   1.00 10.00 ? 21 8OG B C4     1 
HETATM 658 O O8     . 8OG B 1 9  ? 1.176   -8.037  0.818   1.00 10.00 ? 21 8OG B O8     1 
HETATM 659 H "H5'"  . 8OG B 1 9  ? -2.442  -8.549  -3.330  1.00 10.00 ? 21 8OG B "H5'"  1 
HETATM 660 H "H5''" . 8OG B 1 9  ? -1.486  -9.181  -4.626  1.00 10.00 ? 21 8OG B "H5''" 1 
HETATM 661 H "H4'"  . 8OG B 1 9  ? -0.150  -9.651  -3.179  1.00 10.00 ? 21 8OG B "H4'"  1 
HETATM 662 H "H3'"  . 8OG B 1 9  ? -1.652  -12.026 -2.922  1.00 10.00 ? 21 8OG B "H3'"  1 
HETATM 663 H "H2'"  . 8OG B 1 9  ? -2.342  -11.603 -0.781  1.00 10.00 ? 21 8OG B "H2'"  1 
HETATM 664 H "H2''" . 8OG B 1 9  ? -0.763  -12.260 -0.384  1.00 10.00 ? 21 8OG B "H2''" 1 
HETATM 665 H "H1'"  . 8OG B 1 9  ? 0.413   -10.019 -0.815  1.00 10.00 ? 21 8OG B "H1'"  1 
HETATM 666 H H7     . 8OG B 1 9  ? 0.206   -7.617  3.273   1.00 10.00 ? 21 8OG B H7     1 
HETATM 667 H H1     . 8OG B 1 9  ? -4.241  -9.481  4.366   1.00 10.00 ? 21 8OG B H1     1 
HETATM 668 H H21    . 8OG B 1 9  ? -5.711  -9.699  2.761   1.00 10.00 ? 21 8OG B H21    1 
HETATM 669 H H22    . 8OG B 1 9  ? -5.389  -10.641 1.360   1.00 10.00 ? 21 8OG B H22    1 
ATOM   670 P P      . DG  B 1 10 ? 0.693   -12.723 -3.801  1.00 10.00 ? 22 DG  B P      1 
ATOM   671 O OP1    . DG  B 1 10 ? 0.652   -11.985 -5.066  1.00 10.00 ? 22 DG  B OP1    1 
ATOM   672 O OP2    . DG  B 1 10 ? -0.021  -13.994 -3.641  1.00 10.00 ? 22 DG  B OP2    1 
ATOM   673 O "O5'"  . DG  B 1 10 ? 2.273   -13.108 -3.672  1.00 10.00 ? 22 DG  B "O5'"  1 
ATOM   674 C "C5'"  . DG  B 1 10 ? 2.793   -14.005 -2.687  1.00 10.00 ? 22 DG  B "C5'"  1 
ATOM   675 C "C4'"  . DG  B 1 10 ? 4.278   -13.838 -2.340  1.00 10.00 ? 22 DG  B "C4'"  1 
ATOM   676 O "O4'"  . DG  B 1 10 ? 4.517   -12.607 -1.608  1.00 10.00 ? 22 DG  B "O4'"  1 
ATOM   677 C "C3'"  . DG  B 1 10 ? 4.592   -14.985 -1.363  1.00 10.00 ? 22 DG  B "C3'"  1 
ATOM   678 O "O3'"  . DG  B 1 10 ? 5.928   -15.398 -1.427  1.00 10.00 ? 22 DG  B "O3'"  1 
ATOM   679 C "C2'"  . DG  B 1 10 ? 4.314   -14.308 -0.073  1.00 10.00 ? 22 DG  B "C2'"  1 
ATOM   680 C "C1'"  . DG  B 1 10 ? 4.824   -12.883 -0.242  1.00 10.00 ? 22 DG  B "C1'"  1 
ATOM   681 N N9     . DG  B 1 10 ? 3.940   -11.989 0.599   1.00 10.00 ? 22 DG  B N9     1 
ATOM   682 C C8     . DG  B 1 10 ? 2.572   -12.070 0.759   1.00 10.00 ? 22 DG  B C8     1 
ATOM   683 N N7     . DG  B 1 10 ? 2.042   -11.306 1.624   1.00 10.00 ? 22 DG  B N7     1 
ATOM   684 C C5     . DG  B 1 10 ? 3.136   -10.662 2.175   1.00 10.00 ? 22 DG  B C5     1 
ATOM   685 C C6     . DG  B 1 10 ? 3.264   -9.712  3.248   1.00 10.00 ? 22 DG  B C6     1 
ATOM   686 O O6     . DG  B 1 10 ? 2.387   -9.194  3.969   1.00 10.00 ? 22 DG  B O6     1 
ATOM   687 N N1     . DG  B 1 10 ? 4.533   -9.400  3.525   1.00 10.00 ? 22 DG  B N1     1 
ATOM   688 C C2     . DG  B 1 10 ? 5.620   -9.849  2.853   1.00 10.00 ? 22 DG  B C2     1 
ATOM   689 N N2     . DG  B 1 10 ? 6.774   -9.434  3.394   1.00 10.00 ? 22 DG  B N2     1 
ATOM   690 N N3     . DG  B 1 10 ? 5.594   -10.649 1.807   1.00 10.00 ? 22 DG  B N3     1 
ATOM   691 C C4     . DG  B 1 10 ? 4.299   -11.049 1.525   1.00 10.00 ? 22 DG  B C4     1 
ATOM   692 H "H5'"  . DG  B 1 10 ? 2.711   -15.048 -2.993  1.00 10.00 ? 22 DG  B "H5'"  1 
ATOM   693 H "H5''" . DG  B 1 10 ? 2.214   -13.891 -1.771  1.00 10.00 ? 22 DG  B "H5''" 1 
ATOM   694 H "H4'"  . DG  B 1 10 ? 4.966   -13.869 -3.185  1.00 10.00 ? 22 DG  B "H4'"  1 
ATOM   695 H "H3'"  . DG  B 1 10 ? 3.976   -15.876 -1.478  1.00 10.00 ? 22 DG  B "H3'"  1 
ATOM   696 H "H2'"  . DG  B 1 10 ? 3.260   -14.374 0.200   1.00 10.00 ? 22 DG  B "H2'"  1 
ATOM   697 H "H2''" . DG  B 1 10 ? 4.765   -14.822 0.776   1.00 10.00 ? 22 DG  B "H2''" 1 
ATOM   698 H "H1'"  . DG  B 1 10 ? 5.897   -12.773 -0.084  1.00 10.00 ? 22 DG  B "H1'"  1 
ATOM   699 H H8     . DG  B 1 10 ? 1.998   -12.769 0.169   1.00 10.00 ? 22 DG  B H8     1 
ATOM   700 H H1     . DG  B 1 10 ? 4.682   -8.785  4.312   1.00 10.00 ? 22 DG  B H1     1 
ATOM   701 H H21    . DG  B 1 10 ? 6.730   -8.802  4.181   1.00 10.00 ? 22 DG  B H21    1 
ATOM   702 H H22    . DG  B 1 10 ? 7.567   -10.034 3.218   1.00 10.00 ? 22 DG  B H22    1 
ATOM   703 P P      . DC  B 1 11 ? 6.432   -16.658 -0.616  1.00 10.00 ? 23 DC  B P      1 
ATOM   704 O OP1    . DC  B 1 11 ? 7.330   -17.429 -1.558  1.00 10.00 ? 23 DC  B OP1    1 
ATOM   705 O OP2    . DC  B 1 11 ? 5.255   -17.340 -0.078  1.00 10.00 ? 23 DC  B OP2    1 
ATOM   706 O "O5'"  . DC  B 1 11 ? 7.219   -15.924 0.637   1.00 10.00 ? 23 DC  B "O5'"  1 
ATOM   707 C "C5'"  . DC  B 1 11 ? 8.210   -14.935 0.312   1.00 10.00 ? 23 DC  B "C5'"  1 
ATOM   708 C "C4'"  . DC  B 1 11 ? 8.929   -14.099 1.395   1.00 10.00 ? 23 DC  B "C4'"  1 
ATOM   709 O "O4'"  . DC  B 1 11 ? 7.986   -13.360 2.128   1.00 10.00 ? 23 DC  B "O4'"  1 
ATOM   710 C "C3'"  . DC  B 1 11 ? 9.498   -15.131 2.380   1.00 10.00 ? 23 DC  B "C3'"  1 
ATOM   711 O "O3'"  . DC  B 1 11 ? 10.772  -14.839 2.843   1.00 10.00 ? 23 DC  B "O3'"  1 
ATOM   712 C "C2'"  . DC  B 1 11 ? 8.490   -15.209 3.530   1.00 10.00 ? 23 DC  B "C2'"  1 
ATOM   713 C "C1'"  . DC  B 1 11 ? 7.972   -13.754 3.510   1.00 10.00 ? 23 DC  B "C1'"  1 
ATOM   714 N N1     . DC  B 1 11 ? 6.519   -13.585 3.969   1.00 10.00 ? 23 DC  B N1     1 
ATOM   715 C C2     . DC  B 1 11 ? 6.228   -12.819 5.076   1.00 10.00 ? 23 DC  B C2     1 
ATOM   716 O O2     . DC  B 1 11 ? 7.091   -12.378 5.822   1.00 10.00 ? 23 DC  B O2     1 
ATOM   717 N N3     . DC  B 1 11 ? 4.958   -12.515 5.388   1.00 10.00 ? 23 DC  B N3     1 
ATOM   718 C C4     . DC  B 1 11 ? 4.004   -13.050 4.689   1.00 10.00 ? 23 DC  B C4     1 
ATOM   719 N N4     . DC  B 1 11 ? 2.750   -12.721 5.076   1.00 10.00 ? 23 DC  B N4     1 
ATOM   720 C C5     . DC  B 1 11 ? 4.250   -14.013 3.708   1.00 10.00 ? 23 DC  B C5     1 
ATOM   721 C C6     . DC  B 1 11 ? 5.492   -14.219 3.337   1.00 10.00 ? 23 DC  B C6     1 
ATOM   722 H "H5'"  . DC  B 1 11 ? 7.889   -14.274 -0.493  1.00 10.00 ? 23 DC  B "H5'"  1 
ATOM   723 H "H5''" . DC  B 1 11 ? 9.024   -15.460 -0.188  1.00 10.00 ? 23 DC  B "H5''" 1 
ATOM   724 H "H4'"  . DC  B 1 11 ? 9.754   -13.512 0.994   1.00 10.00 ? 23 DC  B "H4'"  1 
ATOM   725 H "H3'"  . DC  B 1 11 ? 9.542   -16.101 1.886   1.00 10.00 ? 23 DC  B "H3'"  1 
ATOM   726 H "H2'"  . DC  B 1 11 ? 7.684   -15.915 3.328   1.00 10.00 ? 23 DC  B "H2'"  1 
ATOM   727 H "H2''" . DC  B 1 11 ? 9.024   -15.475 4.442   1.00 10.00 ? 23 DC  B "H2''" 1 
ATOM   728 H "H1'"  . DC  B 1 11 ? 8.704   -13.132 4.025   1.00 10.00 ? 23 DC  B "H1'"  1 
ATOM   729 H H41    . DC  B 1 11 ? 2.591   -12.008 5.773   1.00 10.00 ? 23 DC  B H41    1 
ATOM   730 H H42    . DC  B 1 11 ? 1.996   -13.052 4.491   1.00 10.00 ? 23 DC  B H42    1 
ATOM   731 H H5     . DC  B 1 11 ? 3.416   -14.504 3.229   1.00 10.00 ? 23 DC  B H5     1 
ATOM   732 H H6     . DC  B 1 11 ? 5.813   -14.925 2.585   1.00 10.00 ? 23 DC  B H6     1 
ATOM   733 P P      . DG  B 1 12 ? 11.767  -16.022 3.241   1.00 10.00 ? 24 DG  B P      1 
ATOM   734 O OP1    . DG  B 1 12 ? 13.133  -15.521 3.088   1.00 10.00 ? 24 DG  B OP1    1 
ATOM   735 O OP2    . DG  B 1 12 ? 11.475  -17.283 2.505   1.00 10.00 ? 24 DG  B OP2    1 
ATOM   736 O "O5'"  . DG  B 1 12 ? 11.522  -16.271 4.774   1.00 10.00 ? 24 DG  B "O5'"  1 
ATOM   737 C "C5'"  . DG  B 1 12 ? 11.539  -15.119 5.616   1.00 10.00 ? 24 DG  B "C5'"  1 
ATOM   738 C "C4'"  . DG  B 1 12 ? 11.126  -15.265 7.114   1.00 10.00 ? 24 DG  B "C4'"  1 
ATOM   739 O "O4'"  . DG  B 1 12 ? 9.763   -14.790 7.347   1.00 10.00 ? 24 DG  B "O4'"  1 
ATOM   740 C "C3'"  . DG  B 1 12 ? 11.200  -16.662 7.697   1.00 10.00 ? 24 DG  B "C3'"  1 
ATOM   741 O "O3'"  . DG  B 1 12 ? 11.392  -16.784 9.121   1.00 10.00 ? 24 DG  B "O3'"  1 
ATOM   742 C "C2'"  . DG  B 1 12 ? 9.727   -17.026 7.400   1.00 10.00 ? 24 DG  B "C2'"  1 
ATOM   743 C "C1'"  . DG  B 1 12 ? 8.981   -15.816 7.848   1.00 10.00 ? 24 DG  B "C1'"  1 
ATOM   744 N N9     . DG  B 1 12 ? 7.639   -15.594 7.424   1.00 10.00 ? 24 DG  B N9     1 
ATOM   745 C C8     . DG  B 1 12 ? 6.957   -16.317 6.503   1.00 10.00 ? 24 DG  B C8     1 
ATOM   746 N N7     . DG  B 1 12 ? 5.671   -16.203 6.437   1.00 10.00 ? 24 DG  B N7     1 
ATOM   747 C C5     . DG  B 1 12 ? 5.437   -15.230 7.461   1.00 10.00 ? 24 DG  B C5     1 
ATOM   748 C C6     . DG  B 1 12 ? 4.242   -14.744 8.097   1.00 10.00 ? 24 DG  B C6     1 
ATOM   749 O O6     . DG  B 1 12 ? 3.060   -14.974 7.882   1.00 10.00 ? 24 DG  B O6     1 
ATOM   750 N N1     . DG  B 1 12 ? 4.453   -13.886 9.085   1.00 10.00 ? 24 DG  B N1     1 
ATOM   751 C C2     . DG  B 1 12 ? 5.625   -13.454 9.437   1.00 10.00 ? 24 DG  B C2     1 
ATOM   752 N N2     . DG  B 1 12 ? 5.686   -12.658 10.443  1.00 10.00 ? 24 DG  B N2     1 
ATOM   753 N N3     . DG  B 1 12 ? 6.815   -14.001 9.074   1.00 10.00 ? 24 DG  B N3     1 
ATOM   754 C C4     . DG  B 1 12 ? 6.649   -14.900 8.110   1.00 10.00 ? 24 DG  B C4     1 
ATOM   755 H "H5'"  . DG  B 1 12 ? 10.989  -14.336 5.094   1.00 10.00 ? 24 DG  B "H5'"  1 
ATOM   756 H "H5''" . DG  B 1 12 ? 12.541  -14.693 5.547   1.00 10.00 ? 24 DG  B "H5''" 1 
ATOM   757 H "H4'"  . DG  B 1 12 ? 11.811  -14.666 7.714   1.00 10.00 ? 24 DG  B "H4'"  1 
ATOM   758 H "H3'"  . DG  B 1 12 ? 11.832  -17.371 7.162   1.00 10.00 ? 24 DG  B "H3'"  1 
ATOM   759 H "HO3'" . DG  B 1 12 ? 12.180  -16.267 9.309   1.00 10.00 ? 24 DG  B "HO3'" 1 
ATOM   760 H "H2'"  . DG  B 1 12 ? 9.607   -17.103 6.321   1.00 10.00 ? 24 DG  B "H2'"  1 
ATOM   761 H "H2''" . DG  B 1 12 ? 9.374   -17.994 7.759   1.00 10.00 ? 24 DG  B "H2''" 1 
ATOM   762 H "H1'"  . DG  B 1 12 ? 8.972   -15.763 8.937   1.00 10.00 ? 24 DG  B "H1'"  1 
ATOM   763 H H8     . DG  B 1 12 ? 7.594   -16.974 5.930   1.00 10.00 ? 24 DG  B H8     1 
ATOM   764 H H1     . DG  B 1 12 ? 3.678   -13.494 9.599   1.00 10.00 ? 24 DG  B H1     1 
ATOM   765 H H21    . DG  B 1 12 ? 4.829   -12.340 10.874  1.00 10.00 ? 24 DG  B H21    1 
ATOM   766 H H22    . DG  B 1 12 ? 6.596   -12.251 10.607  1.00 10.00 ? 24 DG  B H22    1 
# 
